data_5OMM
#
_entry.id   5OMM
#
_cell.length_a   97.512
_cell.length_b   94.209
_cell.length_c   101.284
_cell.angle_alpha   90.00
_cell.angle_beta   112.70
_cell.angle_gamma   90.00
#
_symmetry.space_group_name_H-M   'C 1 2 1'
#
loop_
_entity.id
_entity.type
_entity.pdbx_description
1 polymer 'Capsid protein'
2 polymer 'Nanobody (VHH) Nano-14'
3 non-polymer 1,2-ETHANEDIOL
4 water water
#
loop_
_entity_poly.entity_id
_entity_poly.type
_entity_poly.pdbx_seq_one_letter_code
_entity_poly.pdbx_strand_id
1 'polypeptide(L)'
;SKPFTLPILTLGELTNSRFPLPIDVLYTNPNESAIVQCQNGRCTLDGELQGTTQLLPTGICAFRGKVTQQVQDEHRGTHW
NMTVTNLNGTPFDPTEDVPAPLGTPDFSGQIYGVISQRNTNTVPGEGNLPANRAHEAVIATYSPKFTPKLGNIQFSTWET
QDVSSGQPTKFTPVGLASVDANSHFDQWTLPSYSGALTLNMNLAPSVAPVFPGECLLFFRSFIPLKGGYGNPAIDCLMPQ
EWVQHLYQESAPSLSDVALVRYVNPETGRTLFEAKLHRNGFLTVARNSAGPVVAPTNGYFRFDSWVNQFYTLAPM
;
A,B
2 'polypeptide(L)'
;QVQLQESGGGLVQSGGSLRLSCAASRNINSMHVVGWYRQAPGNQRELVASITDDGSTDYVDSVKGRFTISRDIAENTVYL
QMNSLNPEDTAVYYCKGTIVVFTTPMHYWGKGTQVTVSS
;
C
#
loop_
_chem_comp.id
_chem_comp.type
_chem_comp.name
_chem_comp.formula
EDO non-polymer 1,2-ETHANEDIOL 'C2 H6 O2'
#
# COMPACT_ATOMS: atom_id res chain seq x y z
N LYS A 2 26.69 -14.82 -16.98
CA LYS A 2 25.67 -15.15 -15.98
C LYS A 2 24.32 -15.46 -16.61
N PRO A 3 23.82 -16.68 -16.42
CA PRO A 3 22.60 -17.16 -17.05
C PRO A 3 21.37 -16.35 -16.63
N PHE A 4 20.47 -16.11 -17.57
CA PHE A 4 19.21 -15.43 -17.30
C PHE A 4 18.26 -16.33 -16.51
N THR A 5 17.60 -15.77 -15.50
CA THR A 5 16.61 -16.50 -14.72
C THR A 5 15.43 -15.62 -14.39
N LEU A 6 14.29 -16.25 -14.12
CA LEU A 6 13.15 -15.57 -13.50
C LEU A 6 12.97 -16.12 -12.10
N PRO A 7 12.37 -15.32 -11.19
CA PRO A 7 12.11 -15.86 -9.85
C PRO A 7 11.03 -16.93 -9.92
N ILE A 8 10.96 -17.81 -8.91
CA ILE A 8 9.93 -18.83 -8.87
C ILE A 8 8.83 -18.36 -7.93
N LEU A 9 7.78 -17.79 -8.54
CA LEU A 9 6.71 -17.13 -7.79
C LEU A 9 5.40 -17.37 -8.51
N THR A 10 4.42 -17.92 -7.80
CA THR A 10 3.09 -18.08 -8.36
C THR A 10 2.41 -16.72 -8.48
N LEU A 11 1.27 -16.67 -9.17
CA LEU A 11 0.56 -15.40 -9.33
C LEU A 11 0.19 -14.83 -7.99
N GLY A 12 -0.11 -15.73 -7.05
CA GLY A 12 -0.46 -15.34 -5.70
C GLY A 12 0.70 -14.84 -4.84
N GLU A 13 1.90 -14.82 -5.42
CA GLU A 13 3.12 -14.35 -4.73
C GLU A 13 3.72 -13.17 -5.47
N LEU A 14 2.94 -12.56 -6.36
CA LEU A 14 3.43 -11.43 -7.18
C LEU A 14 2.63 -10.16 -6.91
N THR A 15 3.29 -9.01 -7.05
CA THR A 15 2.59 -7.74 -6.93
C THR A 15 2.74 -6.88 -8.18
N ASN A 16 1.76 -6.02 -8.39
CA ASN A 16 1.74 -5.13 -9.55
C ASN A 16 2.86 -4.10 -9.47
N SER A 17 3.48 -3.80 -10.62
CA SER A 17 4.53 -2.81 -10.67
C SER A 17 4.02 -1.39 -10.97
N ARG A 18 2.72 -1.28 -11.24
CA ARG A 18 2.16 0.04 -11.57
C ARG A 18 1.24 0.63 -10.50
N PHE A 19 0.84 -0.19 -9.53
CA PHE A 19 0.07 0.27 -8.38
C PHE A 19 0.28 -0.75 -7.28
N PRO A 20 0.27 -0.31 -6.00
CA PRO A 20 0.57 -1.30 -4.94
C PRO A 20 -0.58 -2.26 -4.67
N LEU A 21 -0.64 -3.28 -5.51
CA LEU A 21 -1.71 -4.26 -5.50
C LEU A 21 -1.12 -5.64 -5.75
N PRO A 22 -1.75 -6.67 -5.20
CA PRO A 22 -1.35 -8.04 -5.62
C PRO A 22 -1.78 -8.30 -7.04
N ILE A 23 -1.08 -9.20 -7.74
CA ILE A 23 -1.59 -9.67 -9.03
C ILE A 23 -2.77 -10.63 -8.87
N ASP A 24 -3.84 -10.39 -9.61
CA ASP A 24 -5.05 -11.18 -9.53
C ASP A 24 -5.16 -12.24 -10.63
N VAL A 25 -4.82 -11.85 -11.86
CA VAL A 25 -4.99 -12.77 -13.01
C VAL A 25 -4.06 -12.35 -14.13
N LEU A 26 -3.75 -13.30 -15.01
CA LEU A 26 -3.12 -12.97 -16.30
C LEU A 26 -4.22 -12.53 -17.26
N TYR A 27 -3.90 -11.64 -18.18
CA TYR A 27 -4.94 -11.01 -18.98
C TYR A 27 -4.44 -10.64 -20.39
N THR A 28 -5.31 -10.80 -21.39
CA THR A 28 -5.00 -10.30 -22.73
C THR A 28 -6.14 -9.45 -23.26
N ASN A 29 -5.81 -8.55 -24.17
CA ASN A 29 -6.83 -7.77 -24.87
C ASN A 29 -6.35 -7.40 -26.27
N PRO A 30 -6.38 -8.36 -27.20
CA PRO A 30 -5.80 -8.17 -28.53
C PRO A 30 -6.42 -7.03 -29.31
N ASN A 31 -7.64 -6.62 -28.96
CA ASN A 31 -8.35 -5.59 -29.68
C ASN A 31 -8.04 -4.18 -29.18
N GLU A 32 -7.03 -4.08 -28.32
CA GLU A 32 -6.61 -2.77 -27.78
CA GLU A 32 -6.56 -2.79 -27.79
C GLU A 32 -6.15 -1.82 -28.88
N SER A 33 -6.79 -0.67 -28.95
CA SER A 33 -6.43 0.34 -29.94
C SER A 33 -5.31 1.25 -29.43
N ALA A 34 -5.10 1.26 -28.12
CA ALA A 34 -4.18 2.21 -27.52
C ALA A 34 -2.72 1.80 -27.67
N ILE A 35 -1.85 2.79 -27.78
CA ILE A 35 -0.41 2.55 -27.64
C ILE A 35 -0.09 2.23 -26.18
N VAL A 36 0.59 1.12 -25.95
CA VAL A 36 0.98 0.70 -24.62
C VAL A 36 2.38 1.22 -24.31
N GLN A 37 2.46 2.17 -23.40
CA GLN A 37 3.74 2.81 -23.10
C GLN A 37 3.82 3.22 -21.63
N CYS A 38 3.48 2.28 -20.75
CA CYS A 38 3.54 2.59 -19.31
C CYS A 38 5.00 2.83 -18.91
N GLN A 39 5.17 3.55 -17.80
CA GLN A 39 6.48 4.02 -17.38
C GLN A 39 6.92 3.39 -16.07
N ASN A 40 5.97 2.84 -15.29
CA ASN A 40 6.34 2.03 -14.13
C ASN A 40 6.31 0.55 -14.52
N GLY A 41 7.08 -0.26 -13.80
CA GLY A 41 7.21 -1.65 -14.18
C GLY A 41 7.97 -1.85 -15.48
N ARG A 42 8.98 -1.01 -15.71
CA ARG A 42 9.76 -1.06 -16.95
C ARG A 42 11.20 -1.42 -16.64
N CYS A 43 11.64 -2.56 -17.15
CA CYS A 43 12.98 -3.04 -16.86
C CYS A 43 13.41 -3.96 -17.98
N THR A 44 14.58 -3.75 -18.56
CA THR A 44 15.03 -4.67 -19.61
C THR A 44 15.42 -6.00 -18.99
N LEU A 45 15.55 -7.03 -19.82
CA LEU A 45 15.89 -8.32 -19.27
C LEU A 45 17.29 -8.33 -18.70
N ASP A 46 18.15 -7.39 -19.12
CA ASP A 46 19.50 -7.38 -18.54
C ASP A 46 19.62 -6.37 -17.40
N GLY A 47 18.48 -5.90 -16.90
CA GLY A 47 18.42 -5.22 -15.62
C GLY A 47 18.52 -3.71 -15.65
N GLU A 48 18.22 -3.10 -16.78
CA GLU A 48 18.18 -1.64 -16.86
C GLU A 48 16.77 -1.14 -16.58
N LEU A 49 16.60 -0.44 -15.46
CA LEU A 49 15.31 0.18 -15.16
C LEU A 49 15.06 1.29 -16.16
N GLN A 50 13.81 1.46 -16.59
CA GLN A 50 13.48 2.50 -17.56
C GLN A 50 12.28 3.31 -17.08
N GLY A 51 11.96 4.39 -17.79
CA GLY A 51 10.81 5.19 -17.42
C GLY A 51 10.95 5.80 -16.03
N THR A 52 9.90 5.67 -15.21
CA THR A 52 9.92 6.17 -13.84
C THR A 52 10.07 5.02 -12.85
N THR A 53 10.57 3.89 -13.34
CA THR A 53 10.59 2.67 -12.51
C THR A 53 11.65 2.73 -11.40
N GLN A 54 11.25 2.37 -10.18
CA GLN A 54 12.19 2.24 -9.08
C GLN A 54 11.90 0.94 -8.36
N LEU A 55 12.71 0.60 -7.36
CA LEU A 55 12.65 -0.76 -6.81
C LEU A 55 11.66 -0.96 -5.67
N LEU A 56 11.29 0.11 -4.96
CA LEU A 56 10.46 -0.07 -3.76
C LEU A 56 9.01 -0.30 -4.07
N PRO A 57 8.44 -1.37 -3.51
CA PRO A 57 6.98 -1.52 -3.66
C PRO A 57 6.23 -0.34 -3.03
N THR A 58 6.81 0.27 -2.00
CA THR A 58 6.23 1.45 -1.34
C THR A 58 6.37 2.75 -2.13
N GLY A 59 7.16 2.74 -3.20
CA GLY A 59 7.38 3.93 -3.99
C GLY A 59 6.45 4.06 -5.19
N ILE A 60 5.73 2.99 -5.53
CA ILE A 60 4.88 2.99 -6.71
C ILE A 60 3.67 3.88 -6.49
N CYS A 61 3.56 4.95 -7.31
CA CYS A 61 2.50 5.96 -7.21
C CYS A 61 2.55 6.72 -5.89
N ALA A 62 3.74 6.80 -5.31
CA ALA A 62 3.96 7.53 -4.07
C ALA A 62 4.58 8.89 -4.37
N PHE A 63 4.38 9.83 -3.46
CA PHE A 63 5.09 11.12 -3.51
C PHE A 63 5.61 11.48 -2.15
N ARG A 64 6.72 12.20 -2.15
CA ARG A 64 7.27 12.75 -0.93
C ARG A 64 7.58 14.21 -1.22
N GLY A 65 7.34 15.09 -0.25
CA GLY A 65 7.65 16.50 -0.50
C GLY A 65 7.18 17.37 0.62
N LYS A 66 6.76 18.59 0.29
CA LYS A 66 6.30 19.56 1.28
C LYS A 66 5.13 20.37 0.74
N VAL A 67 4.08 20.54 1.53
CA VAL A 67 3.02 21.44 1.12
C VAL A 67 3.52 22.88 1.19
N THR A 68 3.25 23.67 0.15
CA THR A 68 3.68 25.08 0.17
C THR A 68 2.55 25.97 0.68
N GLN A 69 1.33 25.70 0.21
CA GLN A 69 0.19 26.53 0.57
C GLN A 69 -1.11 25.95 0.02
N GLN A 70 -2.22 26.41 0.58
CA GLN A 70 -3.52 26.14 -0.02
C GLN A 70 -3.69 26.98 -1.28
N VAL A 71 -4.30 26.40 -2.31
CA VAL A 71 -4.50 27.09 -3.59
C VAL A 71 -5.94 26.98 -4.04
N GLN A 72 -6.26 27.64 -5.15
CA GLN A 72 -7.57 27.53 -5.77
C GLN A 72 -7.50 26.70 -7.05
N ASP A 73 -8.61 26.07 -7.42
CA ASP A 73 -8.69 25.36 -8.70
C ASP A 73 -10.15 25.28 -9.08
N GLU A 74 -10.42 24.99 -10.34
CA GLU A 74 -11.81 24.98 -10.81
C GLU A 74 -12.49 23.61 -10.67
N HIS A 75 -12.39 23.02 -9.48
CA HIS A 75 -13.21 21.86 -9.16
C HIS A 75 -13.50 21.83 -7.67
N ARG A 76 -14.48 21.01 -7.29
CA ARG A 76 -14.92 20.92 -5.91
C ARG A 76 -13.83 20.37 -4.99
N GLY A 77 -13.73 20.93 -3.78
CA GLY A 77 -12.74 20.46 -2.83
C GLY A 77 -11.86 21.54 -2.24
N THR A 78 -10.95 21.12 -1.36
CA THR A 78 -9.94 22.02 -0.80
C THR A 78 -8.63 21.63 -1.46
N HIS A 79 -7.87 22.61 -1.95
CA HIS A 79 -6.73 22.29 -2.80
C HIS A 79 -5.40 22.74 -2.23
N TRP A 80 -4.38 21.91 -2.42
CA TRP A 80 -3.08 22.16 -1.84
C TRP A 80 -1.96 21.99 -2.84
N ASN A 81 -0.99 22.89 -2.80
CA ASN A 81 0.20 22.74 -3.62
C ASN A 81 1.32 22.06 -2.84
N MET A 82 1.99 21.13 -3.49
CA MET A 82 3.04 20.34 -2.86
C MET A 82 4.30 20.30 -3.75
N THR A 83 5.45 20.75 -3.23
CA THR A 83 6.70 20.49 -3.93
C THR A 83 7.01 19.01 -3.74
N VAL A 84 7.59 18.35 -4.74
CA VAL A 84 7.93 16.94 -4.58
C VAL A 84 9.45 16.79 -4.66
N THR A 85 9.97 15.87 -3.85
CA THR A 85 11.39 15.52 -3.90
C THR A 85 11.52 14.13 -4.51
N ASN A 86 12.74 13.63 -4.63
CA ASN A 86 12.91 12.21 -4.89
C ASN A 86 12.36 11.46 -3.70
N LEU A 87 11.98 10.20 -3.93
CA LEU A 87 11.41 9.40 -2.84
C LEU A 87 12.44 9.19 -1.72
N ASN A 88 13.74 9.25 -2.02
CA ASN A 88 14.74 9.10 -0.95
C ASN A 88 15.01 10.41 -0.21
N GLY A 89 14.24 11.45 -0.50
CA GLY A 89 14.34 12.70 0.23
C GLY A 89 15.25 13.76 -0.37
N THR A 90 16.11 13.36 -1.30
CA THR A 90 17.02 14.33 -1.92
C THR A 90 16.23 15.23 -2.88
N PRO A 91 16.71 16.46 -3.11
CA PRO A 91 15.95 17.33 -4.01
C PRO A 91 15.80 16.72 -5.41
N PHE A 92 14.63 16.84 -6.03
CA PHE A 92 14.47 16.39 -7.40
C PHE A 92 15.07 17.42 -8.33
N ASP A 93 15.97 16.97 -9.21
CA ASP A 93 16.58 17.84 -10.21
C ASP A 93 15.86 17.62 -11.52
N PRO A 94 15.02 18.58 -11.93
CA PRO A 94 14.21 18.40 -13.14
C PRO A 94 15.01 18.17 -14.41
N THR A 95 16.30 18.50 -14.40
CA THR A 95 17.11 18.33 -15.60
C THR A 95 17.66 16.92 -15.75
N GLU A 96 17.43 16.07 -14.75
CA GLU A 96 17.83 14.66 -14.85
C GLU A 96 17.04 13.97 -15.95
N ASP A 97 17.64 12.94 -16.54
CA ASP A 97 17.09 12.25 -17.70
C ASP A 97 16.05 11.20 -17.34
N VAL A 98 14.99 11.63 -16.67
CA VAL A 98 13.86 10.78 -16.31
C VAL A 98 12.59 11.53 -16.70
N PRO A 99 11.48 10.82 -16.91
CA PRO A 99 10.24 11.55 -17.28
C PRO A 99 9.67 12.38 -16.14
N ALA A 100 10.00 12.00 -14.91
CA ALA A 100 9.41 12.52 -13.70
C ALA A 100 10.13 11.84 -12.55
N PRO A 101 9.93 12.29 -11.30
CA PRO A 101 10.53 11.55 -10.17
C PRO A 101 10.16 10.08 -10.21
N LEU A 102 11.12 9.21 -9.90
CA LEU A 102 10.79 7.79 -9.93
C LEU A 102 9.62 7.49 -9.00
N GLY A 103 8.73 6.62 -9.45
CA GLY A 103 7.53 6.27 -8.69
C GLY A 103 6.28 7.06 -9.10
N THR A 104 6.45 8.18 -9.80
CA THR A 104 5.31 8.97 -10.25
C THR A 104 4.27 8.09 -10.98
N PRO A 105 2.97 8.28 -10.71
CA PRO A 105 1.96 7.51 -11.49
C PRO A 105 2.13 7.65 -13.00
N ASP A 106 1.80 6.59 -13.75
CA ASP A 106 2.02 6.61 -15.20
C ASP A 106 0.72 6.50 -15.98
N PHE A 107 -0.40 6.87 -15.37
CA PHE A 107 -1.66 6.81 -16.10
C PHE A 107 -2.55 7.97 -15.74
N SER A 108 -3.52 8.24 -16.60
CA SER A 108 -4.54 9.26 -16.36
C SER A 108 -5.63 8.78 -15.39
N GLY A 109 -5.92 9.58 -14.36
CA GLY A 109 -6.99 9.22 -13.43
C GLY A 109 -6.99 10.04 -12.15
N GLN A 110 -8.01 9.81 -11.32
CA GLN A 110 -8.07 10.44 -10.01
C GLN A 110 -7.53 9.45 -9.00
N ILE A 111 -6.27 9.62 -8.62
CA ILE A 111 -5.65 8.68 -7.70
C ILE A 111 -6.01 9.08 -6.28
N TYR A 112 -6.54 8.12 -5.53
CA TYR A 112 -7.04 8.33 -4.17
C TYR A 112 -6.06 7.74 -3.16
N GLY A 113 -5.79 8.46 -2.07
CA GLY A 113 -4.88 7.93 -1.07
C GLY A 113 -4.91 8.79 0.16
N VAL A 114 -3.83 8.73 0.94
CA VAL A 114 -3.73 9.48 2.19
C VAL A 114 -2.49 10.33 2.18
N ILE A 115 -2.68 11.63 2.46
CA ILE A 115 -1.57 12.54 2.71
C ILE A 115 -1.27 12.55 4.20
N SER A 116 -0.02 12.32 4.59
CA SER A 116 0.30 12.43 6.01
C SER A 116 1.48 13.36 6.19
N GLN A 117 1.54 13.99 7.35
CA GLN A 117 2.62 14.93 7.66
C GLN A 117 3.17 14.67 9.05
N ARG A 118 4.48 14.84 9.19
CA ARG A 118 5.12 14.88 10.50
C ARG A 118 5.95 16.15 10.55
N ASN A 119 5.61 17.04 11.46
CA ASN A 119 6.30 18.33 11.53
C ASN A 119 7.77 18.22 11.84
N THR A 120 8.54 19.14 11.28
CA THR A 120 9.98 19.22 11.49
C THR A 120 10.29 19.80 12.85
N ASN A 121 9.47 20.78 13.23
CA ASN A 121 9.65 21.55 14.45
C ASN A 121 8.75 21.10 15.59
N THR A 122 9.13 21.51 16.80
CA THR A 122 8.20 21.47 17.92
C THR A 122 7.78 22.91 18.22
N VAL A 123 6.55 23.09 18.67
CA VAL A 123 6.07 24.42 19.04
C VAL A 123 6.13 24.60 20.57
N PRO A 124 6.61 25.75 21.03
CA PRO A 124 6.65 26.04 22.47
C PRO A 124 5.27 25.91 23.11
N GLY A 125 5.17 25.10 24.15
CA GLY A 125 3.90 24.90 24.85
C GLY A 125 3.11 23.69 24.38
N GLU A 126 3.53 23.08 23.27
CA GLU A 126 2.84 21.88 22.77
C GLU A 126 3.60 20.59 23.08
N GLY A 127 4.77 20.73 23.70
CA GLY A 127 5.54 19.55 24.06
C GLY A 127 6.78 19.36 23.20
N ASN A 128 7.55 18.34 23.52
CA ASN A 128 8.82 18.12 22.83
C ASN A 128 8.77 17.09 21.70
N LEU A 129 7.57 16.70 21.27
CA LEU A 129 7.43 15.76 20.18
C LEU A 129 6.71 16.44 19.02
N PRO A 130 7.02 16.07 17.78
CA PRO A 130 6.38 16.79 16.68
C PRO A 130 4.92 16.42 16.50
N ALA A 131 4.15 17.39 16.00
CA ALA A 131 2.75 17.16 15.65
C ALA A 131 2.60 16.44 14.33
N ASN A 132 1.48 15.74 14.18
CA ASN A 132 1.16 14.93 12.99
C ASN A 132 -0.27 15.14 12.52
N ARG A 133 -0.51 14.87 11.24
CA ARG A 133 -1.88 14.79 10.72
C ARG A 133 -1.91 13.96 9.44
N ALA A 134 -3.03 13.30 9.18
CA ALA A 134 -3.21 12.60 7.91
C ALA A 134 -4.65 12.74 7.48
N HIS A 135 -4.86 12.89 6.16
CA HIS A 135 -6.19 13.03 5.56
C HIS A 135 -6.26 12.38 4.21
N GLU A 136 -7.46 11.91 3.86
CA GLU A 136 -7.70 11.42 2.50
C GLU A 136 -7.51 12.50 1.45
N ALA A 137 -7.01 12.10 0.29
CA ALA A 137 -6.69 13.08 -0.74
C ALA A 137 -6.85 12.47 -2.12
N VAL A 138 -7.02 13.34 -3.10
CA VAL A 138 -7.12 12.91 -4.49
C VAL A 138 -6.15 13.71 -5.36
N ILE A 139 -5.41 13.01 -6.23
CA ILE A 139 -4.53 13.66 -7.20
C ILE A 139 -5.01 13.33 -8.61
N ALA A 140 -5.40 14.35 -9.37
CA ALA A 140 -5.86 14.17 -10.75
C ALA A 140 -4.66 14.27 -11.69
N THR A 141 -4.20 13.13 -12.21
CA THR A 141 -2.95 13.12 -12.98
C THR A 141 -3.12 13.72 -14.37
N TYR A 142 -4.37 13.97 -14.77
CA TYR A 142 -4.67 14.55 -16.07
C TYR A 142 -4.78 16.08 -15.99
N SER A 143 -4.72 16.61 -14.77
CA SER A 143 -4.85 18.05 -14.56
C SER A 143 -3.63 18.83 -15.08
N PRO A 144 -3.86 20.05 -15.60
CA PRO A 144 -2.71 20.89 -15.94
C PRO A 144 -1.86 21.25 -14.73
N LYS A 145 -2.38 21.02 -13.52
CA LYS A 145 -1.60 21.30 -12.31
C LYS A 145 -0.75 20.10 -11.87
N PHE A 146 -0.88 18.96 -12.56
CA PHE A 146 -0.05 17.80 -12.28
C PHE A 146 1.28 17.94 -13.03
N THR A 147 2.29 18.50 -12.36
CA THR A 147 3.55 18.77 -13.04
C THR A 147 4.76 18.20 -12.26
N PRO A 148 4.76 16.90 -12.02
CA PRO A 148 5.84 16.33 -11.18
C PRO A 148 7.23 16.50 -11.78
N LYS A 149 7.36 16.50 -13.10
CA LYS A 149 8.66 16.72 -13.72
C LYS A 149 9.15 18.16 -13.47
N LEU A 150 8.24 19.08 -13.14
CA LEU A 150 8.67 20.42 -12.75
C LEU A 150 8.89 20.53 -11.24
N GLY A 151 8.69 19.44 -10.52
CA GLY A 151 8.94 19.38 -9.09
C GLY A 151 7.77 19.80 -8.22
N ASN A 152 6.56 19.85 -8.76
CA ASN A 152 5.42 20.12 -7.88
C ASN A 152 4.10 19.59 -8.44
N ILE A 153 3.22 19.22 -7.54
CA ILE A 153 1.89 18.72 -7.90
C ILE A 153 0.86 19.33 -6.96
N GLN A 154 -0.40 19.07 -7.26
CA GLN A 154 -1.48 19.55 -6.39
C GLN A 154 -2.33 18.36 -5.97
N PHE A 155 -2.93 18.44 -4.79
CA PHE A 155 -3.90 17.42 -4.37
C PHE A 155 -5.08 18.11 -3.73
N SER A 156 -6.21 17.41 -3.71
CA SER A 156 -7.43 17.95 -3.12
C SER A 156 -7.88 17.05 -1.97
N THR A 157 -8.40 17.67 -0.92
CA THR A 157 -8.89 16.97 0.27
C THR A 157 -10.34 17.32 0.56
N TRP A 158 -10.99 16.41 1.29
CA TRP A 158 -12.29 16.71 1.88
C TRP A 158 -12.08 17.59 3.11
N GLU A 159 -11.06 17.27 3.90
CA GLU A 159 -10.62 18.12 5.01
C GLU A 159 -10.41 19.54 4.52
N THR A 160 -10.92 20.52 5.25
CA THR A 160 -10.87 21.89 4.76
C THR A 160 -9.73 22.72 5.37
N GLN A 161 -9.13 22.29 6.47
CA GLN A 161 -8.16 23.17 7.13
C GLN A 161 -6.90 22.48 7.68
N ASP A 162 -7.01 21.20 8.04
CA ASP A 162 -5.96 20.54 8.84
C ASP A 162 -4.86 19.93 7.97
N VAL A 163 -4.28 20.74 7.09
CA VAL A 163 -3.07 20.39 6.34
C VAL A 163 -2.08 21.53 6.54
N SER A 164 -0.84 21.24 6.96
CA SER A 164 0.09 22.31 7.34
C SER A 164 1.04 22.70 6.20
N SER A 165 1.30 23.99 6.03
CA SER A 165 2.26 24.44 5.04
C SER A 165 3.68 24.29 5.57
N GLY A 166 4.60 23.97 4.67
CA GLY A 166 6.02 23.91 4.99
C GLY A 166 6.46 22.71 5.79
N GLN A 167 5.64 21.68 5.83
CA GLN A 167 5.97 20.49 6.61
C GLN A 167 6.10 19.25 5.73
N PRO A 168 7.01 18.33 6.10
CA PRO A 168 7.24 17.09 5.35
C PRO A 168 5.94 16.31 5.13
N THR A 169 5.71 15.93 3.88
CA THR A 169 4.43 15.39 3.45
C THR A 169 4.64 14.11 2.63
N LYS A 170 3.83 13.10 2.89
CA LYS A 170 3.90 11.81 2.22
C LYS A 170 2.55 11.50 1.61
N PHE A 171 2.52 11.00 0.38
CA PHE A 171 1.27 10.48 -0.21
C PHE A 171 1.36 8.97 -0.28
N THR A 172 0.44 8.30 0.39
CA THR A 172 0.29 6.84 0.32
C THR A 172 -0.88 6.51 -0.60
N PRO A 173 -0.62 5.89 -1.74
CA PRO A 173 -1.72 5.57 -2.65
C PRO A 173 -2.61 4.44 -2.14
N VAL A 174 -3.91 4.51 -2.41
CA VAL A 174 -4.81 3.44 -1.99
C VAL A 174 -5.66 2.90 -3.16
N GLY A 175 -6.10 3.79 -4.05
CA GLY A 175 -6.91 3.34 -5.19
C GLY A 175 -7.23 4.51 -6.09
N LEU A 176 -8.43 4.49 -6.67
CA LEU A 176 -8.95 5.58 -7.48
C LEU A 176 -10.12 6.23 -6.77
N ALA A 177 -10.37 7.51 -7.05
CA ALA A 177 -11.55 8.17 -6.46
C ALA A 177 -12.83 7.75 -7.15
N SER A 178 -12.78 7.68 -8.49
CA SER A 178 -13.94 7.48 -9.33
C SER A 178 -13.45 6.96 -10.66
N VAL A 179 -14.31 6.23 -11.37
CA VAL A 179 -14.04 5.99 -12.79
C VAL A 179 -15.23 6.49 -13.63
N ASP A 180 -15.91 7.54 -13.17
CA ASP A 180 -17.05 8.05 -13.93
C ASP A 180 -16.55 8.82 -15.16
N ALA A 181 -17.46 9.28 -16.01
CA ALA A 181 -17.07 9.91 -17.27
C ALA A 181 -16.12 11.08 -17.05
N ASN A 182 -16.45 11.93 -16.10
CA ASN A 182 -15.67 13.11 -15.79
C ASN A 182 -14.37 12.85 -15.04
N SER A 183 -14.01 11.59 -14.81
CA SER A 183 -12.82 11.33 -14.01
C SER A 183 -11.63 10.84 -14.81
N HIS A 184 -11.82 10.67 -16.12
CA HIS A 184 -10.72 10.41 -17.05
C HIS A 184 -9.78 9.28 -16.67
N PHE A 185 -10.33 8.16 -16.22
CA PHE A 185 -9.46 7.02 -15.98
C PHE A 185 -9.14 6.34 -17.31
N ASP A 186 -7.86 6.32 -17.65
CA ASP A 186 -7.41 5.59 -18.84
C ASP A 186 -6.02 5.11 -18.58
N GLN A 187 -5.86 3.81 -18.34
CA GLN A 187 -4.58 3.31 -17.87
C GLN A 187 -3.49 3.42 -18.92
N TRP A 188 -3.85 3.64 -20.20
CA TRP A 188 -2.79 3.72 -21.21
C TRP A 188 -2.52 5.14 -21.68
N THR A 189 -3.22 6.10 -21.09
CA THR A 189 -2.93 7.51 -21.36
C THR A 189 -1.92 8.03 -20.35
N LEU A 190 -0.72 8.42 -20.80
CA LEU A 190 0.28 9.00 -19.91
C LEU A 190 -0.12 10.40 -19.43
N PRO A 191 0.26 10.73 -18.20
CA PRO A 191 0.18 12.13 -17.77
C PRO A 191 1.13 12.96 -18.63
N SER A 192 0.87 14.26 -18.75
CA SER A 192 1.86 15.21 -19.23
C SER A 192 2.68 15.63 -18.01
N TYR A 193 3.83 15.01 -17.82
CA TYR A 193 4.56 15.15 -16.56
C TYR A 193 5.02 16.58 -16.29
N SER A 194 5.16 17.39 -17.34
CA SER A 194 5.55 18.80 -17.16
C SER A 194 4.38 19.74 -17.42
N GLY A 195 3.18 19.18 -17.42
CA GLY A 195 1.97 19.93 -17.69
C GLY A 195 1.60 20.01 -19.16
N ALA A 196 0.54 20.75 -19.46
CA ALA A 196 -0.08 20.70 -20.78
C ALA A 196 0.71 21.31 -21.92
N LEU A 197 1.68 22.14 -21.59
CA LEU A 197 2.38 22.93 -22.60
C LEU A 197 3.71 22.35 -23.00
N THR A 198 4.02 21.18 -22.46
CA THR A 198 5.35 20.62 -22.62
C THR A 198 5.32 19.15 -22.96
N LEU A 199 6.19 18.74 -23.89
CA LEU A 199 6.24 17.35 -24.26
C LEU A 199 6.90 16.52 -23.19
N ASN A 200 6.45 15.27 -23.05
CA ASN A 200 7.14 14.30 -22.19
C ASN A 200 8.51 13.94 -22.73
N MET A 201 9.43 13.59 -21.84
CA MET A 201 10.79 13.27 -22.24
C MET A 201 11.29 12.00 -21.56
N ASN A 202 12.31 11.39 -22.17
CA ASN A 202 12.99 10.25 -21.55
C ASN A 202 12.09 9.07 -21.28
N LEU A 203 11.09 8.87 -22.12
CA LEU A 203 10.12 7.81 -21.86
C LEU A 203 10.69 6.42 -22.19
N ALA A 204 10.30 5.43 -21.39
CA ALA A 204 10.44 4.03 -21.80
C ALA A 204 9.65 3.85 -23.09
N PRO A 205 10.16 3.03 -24.01
CA PRO A 205 9.50 2.91 -25.33
C PRO A 205 8.17 2.18 -25.27
N SER A 206 7.35 2.38 -26.31
CA SER A 206 6.10 1.65 -26.40
C SER A 206 6.40 0.17 -26.67
N VAL A 207 5.48 -0.72 -26.32
CA VAL A 207 5.67 -2.15 -26.54
C VAL A 207 4.55 -2.74 -27.38
N ALA A 208 4.90 -3.76 -28.16
CA ALA A 208 3.96 -4.41 -29.07
C ALA A 208 4.57 -5.71 -29.54
N PRO A 209 3.73 -6.69 -29.89
CA PRO A 209 4.31 -7.89 -30.51
C PRO A 209 4.86 -7.56 -31.89
N VAL A 210 5.86 -8.30 -32.35
CA VAL A 210 6.44 -8.05 -33.67
C VAL A 210 6.03 -9.16 -34.65
N PHE A 211 5.55 -10.27 -34.11
CA PHE A 211 5.20 -11.43 -34.95
C PHE A 211 3.69 -11.41 -35.09
N PRO A 212 3.17 -11.60 -36.32
CA PRO A 212 1.72 -11.48 -36.52
C PRO A 212 0.93 -12.55 -35.76
N GLY A 213 -0.23 -12.18 -35.24
CA GLY A 213 -1.06 -13.15 -34.54
C GLY A 213 -0.81 -13.21 -33.04
N GLU A 214 0.20 -12.48 -32.58
CA GLU A 214 0.51 -12.44 -31.16
C GLU A 214 -0.13 -11.23 -30.51
N CYS A 215 -0.26 -11.28 -29.19
CA CYS A 215 -0.75 -10.15 -28.42
C CYS A 215 0.01 -10.04 -27.13
N LEU A 216 -0.07 -8.86 -26.51
CA LEU A 216 0.57 -8.65 -25.22
C LEU A 216 -0.11 -9.47 -24.13
N LEU A 217 0.68 -9.97 -23.18
CA LEU A 217 0.14 -10.64 -22.00
C LEU A 217 0.43 -9.78 -20.77
N PHE A 218 -0.60 -9.47 -19.99
CA PHE A 218 -0.49 -8.56 -18.85
C PHE A 218 -0.70 -9.29 -17.53
N PHE A 219 -0.09 -8.77 -16.47
CA PHE A 219 -0.41 -9.14 -15.10
C PHE A 219 -1.41 -8.12 -14.55
N ARG A 220 -2.65 -8.57 -14.31
CA ARG A 220 -3.77 -7.66 -14.01
C ARG A 220 -4.11 -7.62 -12.52
N SER A 221 -4.28 -6.41 -11.99
CA SER A 221 -4.76 -6.22 -10.62
C SER A 221 -6.02 -5.35 -10.62
N PHE A 222 -6.95 -5.66 -9.73
CA PHE A 222 -8.12 -4.78 -9.55
C PHE A 222 -7.84 -3.73 -8.48
N ILE A 223 -8.24 -2.49 -8.78
CA ILE A 223 -7.84 -1.34 -7.96
C ILE A 223 -9.06 -0.83 -7.21
N PRO A 224 -8.91 -0.53 -5.90
CA PRO A 224 -10.02 -0.04 -5.07
C PRO A 224 -10.59 1.29 -5.55
N LEU A 225 -11.86 1.54 -5.22
CA LEU A 225 -12.52 2.80 -5.51
C LEU A 225 -13.01 3.44 -4.23
N LYS A 226 -12.85 4.77 -4.11
CA LYS A 226 -13.41 5.49 -2.99
C LYS A 226 -14.94 5.48 -3.03
N GLY A 227 -15.51 5.49 -4.23
CA GLY A 227 -16.96 5.46 -4.33
C GLY A 227 -17.41 5.24 -5.77
N GLY A 228 -18.73 5.18 -5.95
CA GLY A 228 -19.29 5.07 -7.29
C GLY A 228 -19.28 3.64 -7.81
N TYR A 229 -19.59 3.51 -9.10
CA TYR A 229 -19.71 2.21 -9.74
C TYR A 229 -18.48 1.93 -10.55
N GLY A 230 -18.13 0.65 -10.68
CA GLY A 230 -17.00 0.27 -11.51
C GLY A 230 -16.22 -0.90 -10.95
N ASN A 231 -15.46 -1.56 -11.82
CA ASN A 231 -14.52 -2.60 -11.43
C ASN A 231 -13.18 -2.37 -12.11
N PRO A 232 -12.55 -1.22 -11.83
CA PRO A 232 -11.34 -0.85 -12.58
C PRO A 232 -10.15 -1.77 -12.34
N ALA A 233 -9.32 -1.93 -13.37
CA ALA A 233 -8.11 -2.74 -13.26
C ALA A 233 -6.89 -2.01 -13.80
N ILE A 234 -5.72 -2.43 -13.37
CA ILE A 234 -4.44 -1.90 -13.81
C ILE A 234 -3.58 -3.07 -14.30
N ASP A 235 -3.11 -3.01 -15.54
CA ASP A 235 -2.34 -4.08 -16.18
C ASP A 235 -0.86 -3.72 -16.24
N CYS A 236 0.02 -4.56 -15.71
CA CYS A 236 1.44 -4.28 -15.84
C CYS A 236 2.13 -5.31 -16.73
N LEU A 237 3.27 -4.90 -17.27
CA LEU A 237 4.03 -5.72 -18.22
C LEU A 237 4.80 -6.81 -17.50
N MET A 238 5.30 -6.50 -16.32
CA MET A 238 6.00 -7.46 -15.47
C MET A 238 5.71 -7.08 -14.04
N PRO A 239 5.58 -8.08 -13.18
CA PRO A 239 5.37 -7.76 -11.76
C PRO A 239 6.60 -7.14 -11.12
N GLN A 240 6.40 -6.47 -9.99
CA GLN A 240 7.47 -5.76 -9.35
C GLN A 240 8.62 -6.69 -8.94
N GLU A 241 8.30 -7.93 -8.58
CA GLU A 241 9.33 -8.87 -8.19
C GLU A 241 10.23 -9.23 -9.37
N TRP A 242 9.68 -9.21 -10.58
CA TRP A 242 10.51 -9.45 -11.76
C TRP A 242 11.45 -8.26 -11.98
N VAL A 243 10.94 -7.05 -11.82
CA VAL A 243 11.78 -5.85 -11.91
C VAL A 243 12.93 -5.99 -10.92
N GLN A 244 12.60 -6.31 -9.69
CA GLN A 244 13.64 -6.45 -8.66
C GLN A 244 14.65 -7.56 -8.98
N HIS A 245 14.17 -8.69 -9.47
CA HIS A 245 15.06 -9.81 -9.80
C HIS A 245 15.99 -9.49 -10.97
N LEU A 246 15.41 -8.95 -12.03
CA LEU A 246 16.18 -8.61 -13.22
C LEU A 246 17.25 -7.59 -12.89
N TYR A 247 16.91 -6.61 -12.07
CA TYR A 247 17.88 -5.60 -11.62
C TYR A 247 19.03 -6.25 -10.86
N GLN A 248 18.71 -7.15 -9.92
CA GLN A 248 19.75 -7.82 -9.12
C GLN A 248 20.70 -8.64 -9.98
N GLU A 249 20.13 -9.45 -10.87
CA GLU A 249 20.91 -10.42 -11.64
C GLU A 249 21.72 -9.74 -12.75
N SER A 250 21.12 -8.77 -13.43
CA SER A 250 21.75 -8.10 -14.56
C SER A 250 22.40 -9.07 -15.53
N ALA A 251 21.69 -10.14 -15.85
CA ALA A 251 22.20 -11.15 -16.77
C ALA A 251 22.17 -10.64 -18.21
N PRO A 252 23.27 -10.85 -18.95
CA PRO A 252 23.27 -10.45 -20.36
C PRO A 252 22.17 -11.15 -21.15
N SER A 253 21.48 -10.37 -21.98
CA SER A 253 20.46 -10.92 -22.88
C SER A 253 21.16 -11.49 -24.11
N LEU A 254 20.90 -12.75 -24.42
CA LEU A 254 21.67 -13.44 -25.46
C LEU A 254 20.97 -13.42 -26.81
N SER A 255 19.71 -13.01 -26.83
CA SER A 255 19.01 -12.68 -28.08
C SER A 255 17.93 -11.65 -27.75
N ASP A 256 17.07 -11.35 -28.72
CA ASP A 256 15.97 -10.38 -28.53
C ASP A 256 14.80 -10.96 -27.77
N VAL A 257 14.71 -12.29 -27.74
CA VAL A 257 13.51 -12.90 -27.19
C VAL A 257 13.85 -14.13 -26.36
N ALA A 258 13.32 -14.18 -25.15
CA ALA A 258 13.43 -15.34 -24.28
C ALA A 258 12.15 -16.17 -24.33
N LEU A 259 12.27 -17.44 -24.72
CA LEU A 259 11.13 -18.33 -24.65
C LEU A 259 10.89 -18.71 -23.19
N VAL A 260 9.69 -18.44 -22.68
CA VAL A 260 9.39 -18.85 -21.29
C VAL A 260 8.17 -19.76 -21.32
N ARG A 261 8.09 -20.68 -20.36
CA ARG A 261 6.96 -21.60 -20.29
C ARG A 261 6.26 -21.40 -18.96
N TYR A 262 4.94 -21.34 -18.98
CA TYR A 262 4.16 -21.27 -17.74
C TYR A 262 3.96 -22.70 -17.29
N VAL A 263 4.55 -23.05 -16.14
CA VAL A 263 4.55 -24.46 -15.78
C VAL A 263 3.76 -24.77 -14.51
N ASN A 264 3.21 -25.98 -14.47
CA ASN A 264 2.55 -26.49 -13.28
C ASN A 264 3.56 -27.37 -12.56
N PRO A 265 4.08 -26.90 -11.41
CA PRO A 265 5.16 -27.57 -10.68
C PRO A 265 4.76 -28.93 -10.14
N GLU A 266 3.45 -29.14 -9.96
CA GLU A 266 2.97 -30.42 -9.47
C GLU A 266 3.10 -31.49 -10.54
N THR A 267 2.77 -31.14 -11.78
CA THR A 267 2.86 -32.09 -12.89
C THR A 267 4.16 -31.93 -13.68
N GLY A 268 4.79 -30.76 -13.56
CA GLY A 268 6.00 -30.49 -14.31
C GLY A 268 5.71 -30.17 -15.77
N ARG A 269 4.43 -30.07 -16.10
CA ARG A 269 4.01 -29.90 -17.50
C ARG A 269 3.84 -28.43 -17.85
N THR A 270 4.11 -28.10 -19.10
CA THR A 270 3.86 -26.76 -19.60
C THR A 270 2.39 -26.53 -19.86
N LEU A 271 1.86 -25.44 -19.30
CA LEU A 271 0.48 -25.01 -19.52
C LEU A 271 0.38 -24.20 -20.81
N PHE A 272 1.30 -23.26 -21.00
CA PHE A 272 1.41 -22.53 -22.27
C PHE A 272 2.79 -21.89 -22.37
N GLU A 273 3.14 -21.39 -23.55
CA GLU A 273 4.43 -20.73 -23.70
C GLU A 273 4.25 -19.28 -24.12
N ALA A 274 5.26 -18.46 -23.84
CA ALA A 274 5.20 -17.06 -24.18
C ALA A 274 6.57 -16.58 -24.57
N LYS A 275 6.61 -15.45 -25.26
CA LYS A 275 7.86 -14.76 -25.58
C LYS A 275 8.12 -13.68 -24.56
N LEU A 276 9.27 -13.71 -23.91
CA LEU A 276 9.64 -12.60 -23.03
C LEU A 276 10.67 -11.73 -23.76
N HIS A 277 10.24 -10.56 -24.21
CA HIS A 277 11.07 -9.70 -25.04
C HIS A 277 12.13 -8.94 -24.25
N ARG A 278 13.23 -8.67 -24.94
CA ARG A 278 14.38 -8.00 -24.31
C ARG A 278 14.03 -6.71 -23.57
N ASN A 279 13.11 -5.93 -24.10
N ASN A 279 13.08 -5.94 -24.08
CA ASN A 279 12.74 -4.67 -23.44
CA ASN A 279 12.73 -4.68 -23.45
C ASN A 279 11.94 -4.87 -22.16
C ASN A 279 11.77 -4.83 -22.26
N GLY A 280 11.40 -6.07 -21.97
CA GLY A 280 10.71 -6.41 -20.73
C GLY A 280 9.20 -6.50 -20.80
N PHE A 281 8.69 -7.36 -21.67
CA PHE A 281 7.25 -7.56 -21.79
C PHE A 281 7.00 -8.91 -22.44
N LEU A 282 5.78 -9.42 -22.26
CA LEU A 282 5.40 -10.76 -22.73
C LEU A 282 4.45 -10.72 -23.90
N THR A 283 4.63 -11.64 -24.84
CA THR A 283 3.58 -11.88 -25.84
C THR A 283 3.21 -13.35 -25.90
N VAL A 284 1.97 -13.59 -26.29
CA VAL A 284 1.46 -14.95 -26.50
C VAL A 284 0.68 -15.03 -27.80
N ALA A 285 0.48 -16.27 -28.27
CA ALA A 285 -0.41 -16.55 -29.39
C ALA A 285 -1.77 -16.97 -28.83
N ARG A 286 -2.75 -16.09 -28.80
CA ARG A 286 -4.04 -16.39 -28.21
C ARG A 286 -5.21 -15.85 -29.02
N ASN A 287 -6.31 -16.59 -29.04
CA ASN A 287 -7.49 -16.21 -29.80
C ASN A 287 -8.72 -16.04 -28.93
N SER A 288 -8.49 -15.70 -27.67
CA SER A 288 -9.54 -15.24 -26.77
C SER A 288 -9.03 -13.97 -26.08
N ALA A 289 -9.94 -13.09 -25.69
CA ALA A 289 -9.59 -11.92 -24.91
C ALA A 289 -10.05 -12.12 -23.47
N GLY A 290 -9.39 -11.48 -22.52
CA GLY A 290 -9.92 -11.56 -21.17
C GLY A 290 -8.97 -12.23 -20.22
N PRO A 291 -9.47 -12.57 -19.03
CA PRO A 291 -8.57 -13.22 -18.07
C PRO A 291 -8.17 -14.61 -18.57
N VAL A 292 -6.97 -15.00 -18.18
CA VAL A 292 -6.43 -16.32 -18.49
C VAL A 292 -6.78 -17.35 -17.42
N VAL A 293 -7.40 -18.45 -17.85
CA VAL A 293 -7.71 -19.54 -16.94
C VAL A 293 -6.53 -20.50 -16.80
N ALA A 294 -5.86 -20.43 -15.64
CA ALA A 294 -4.68 -21.25 -15.36
C ALA A 294 -4.68 -21.65 -13.89
N PRO A 295 -4.10 -22.82 -13.56
CA PRO A 295 -4.06 -23.25 -12.15
C PRO A 295 -3.26 -22.27 -11.29
N THR A 296 -3.60 -22.21 -10.01
CA THR A 296 -3.02 -21.21 -9.11
C THR A 296 -1.55 -21.48 -8.77
N ASN A 297 -1.06 -22.68 -8.99
CA ASN A 297 0.32 -22.96 -8.61
C ASN A 297 1.33 -22.69 -9.75
N GLY A 298 0.84 -22.21 -10.90
CA GLY A 298 1.70 -22.03 -12.06
C GLY A 298 2.67 -20.85 -12.00
N TYR A 299 3.79 -20.96 -12.71
CA TYR A 299 4.75 -19.84 -12.77
C TYR A 299 5.57 -19.93 -14.06
N PHE A 300 6.15 -18.81 -14.48
CA PHE A 300 6.97 -18.78 -15.70
C PHE A 300 8.37 -19.30 -15.42
N ARG A 301 8.87 -20.14 -16.31
CA ARG A 301 10.22 -20.69 -16.22
C ARG A 301 10.95 -20.31 -17.52
N PHE A 302 12.17 -19.80 -17.41
CA PHE A 302 12.95 -19.52 -18.61
C PHE A 302 13.39 -20.82 -19.28
N ASP A 303 13.17 -20.90 -20.59
CA ASP A 303 13.52 -22.12 -21.33
C ASP A 303 14.79 -21.94 -22.15
N SER A 304 14.80 -20.94 -23.03
CA SER A 304 15.92 -20.74 -23.94
C SER A 304 15.80 -19.42 -24.67
N TRP A 305 16.91 -18.95 -25.22
CA TRP A 305 16.87 -17.76 -26.08
C TRP A 305 16.49 -18.17 -27.49
N VAL A 306 15.55 -17.44 -28.10
CA VAL A 306 15.08 -17.75 -29.44
C VAL A 306 15.12 -16.48 -30.28
N ASN A 307 14.73 -16.53 -31.55
CA ASN A 307 14.64 -15.29 -32.32
C ASN A 307 13.20 -14.82 -32.54
N GLN A 308 13.04 -13.67 -33.19
CA GLN A 308 11.72 -13.05 -33.37
C GLN A 308 10.80 -13.88 -34.27
N PHE A 309 11.36 -14.85 -34.97
CA PHE A 309 10.56 -15.67 -35.88
C PHE A 309 10.06 -16.96 -35.26
N TYR A 310 10.40 -17.20 -34.00
CA TYR A 310 9.93 -18.39 -33.31
C TYR A 310 8.40 -18.38 -33.27
N THR A 311 7.78 -19.52 -33.59
CA THR A 311 6.32 -19.58 -33.60
C THR A 311 5.79 -20.20 -32.31
N LEU A 312 5.06 -19.41 -31.52
CA LEU A 312 4.48 -19.89 -30.27
C LEU A 312 3.33 -20.84 -30.50
N ALA A 313 3.21 -21.84 -29.64
CA ALA A 313 2.02 -22.67 -29.63
C ALA A 313 0.85 -21.82 -29.14
N PRO A 314 -0.32 -21.96 -29.77
CA PRO A 314 -1.52 -21.22 -29.37
C PRO A 314 -2.00 -21.56 -27.95
N MET A 315 -2.51 -20.58 -27.21
CA MET A 315 -3.05 -20.87 -25.89
C MET A 315 -4.51 -21.31 -26.02
N LYS B 2 25.03 -24.67 -3.12
CA LYS B 2 24.71 -23.32 -3.56
C LYS B 2 25.17 -22.25 -2.56
N PRO B 3 26.07 -21.36 -3.00
CA PRO B 3 26.62 -20.33 -2.09
C PRO B 3 25.55 -19.39 -1.55
N PHE B 4 25.66 -19.04 -0.26
CA PHE B 4 24.75 -18.10 0.36
C PHE B 4 25.04 -16.70 -0.14
N THR B 5 23.98 -15.94 -0.42
CA THR B 5 24.07 -14.55 -0.84
C THR B 5 23.01 -13.67 -0.22
N LEU B 6 23.31 -12.37 -0.14
CA LEU B 6 22.30 -11.36 0.15
C LEU B 6 22.13 -10.51 -1.11
N PRO B 7 20.96 -9.89 -1.28
CA PRO B 7 20.84 -9.00 -2.44
C PRO B 7 21.70 -7.77 -2.24
N ILE B 8 22.07 -7.08 -3.31
CA ILE B 8 22.85 -5.85 -3.19
C ILE B 8 21.87 -4.68 -3.25
N LEU B 9 21.53 -4.16 -2.08
CA LEU B 9 20.50 -3.14 -1.96
C LEU B 9 20.91 -2.19 -0.85
N THR B 10 20.98 -0.91 -1.16
CA THR B 10 21.21 0.10 -0.15
C THR B 10 19.96 0.28 0.71
N LEU B 11 20.06 1.00 1.83
CA LEU B 11 18.90 1.18 2.70
C LEU B 11 17.77 1.85 1.94
N GLY B 12 18.12 2.71 0.99
CA GLY B 12 17.13 3.41 0.19
C GLY B 12 16.46 2.54 -0.84
N GLU B 13 16.87 1.27 -0.89
CA GLU B 13 16.26 0.30 -1.82
C GLU B 13 15.62 -0.89 -1.05
N LEU B 14 15.40 -0.70 0.25
CA LEU B 14 14.83 -1.74 1.12
C LEU B 14 13.50 -1.32 1.74
N THR B 15 12.63 -2.29 1.98
CA THR B 15 11.36 -1.98 2.66
C THR B 15 11.20 -2.81 3.92
N ASN B 16 10.45 -2.26 4.87
CA ASN B 16 10.19 -2.91 6.14
C ASN B 16 9.34 -4.16 5.94
N SER B 17 9.65 -5.21 6.69
CA SER B 17 8.88 -6.45 6.59
C SER B 17 7.72 -6.49 7.60
N ARG B 18 7.60 -5.48 8.46
CA ARG B 18 6.55 -5.46 9.49
C ARG B 18 5.47 -4.40 9.25
N PHE B 19 5.74 -3.46 8.33
CA PHE B 19 4.74 -2.45 7.93
C PHE B 19 5.20 -1.95 6.57
N PRO B 20 4.26 -1.57 5.68
CA PRO B 20 4.68 -1.19 4.32
C PRO B 20 5.31 0.21 4.30
N LEU B 21 6.60 0.25 4.61
CA LEU B 21 7.37 1.49 4.76
C LEU B 21 8.74 1.25 4.18
N PRO B 22 9.37 2.30 3.66
CA PRO B 22 10.80 2.18 3.30
C PRO B 22 11.65 2.07 4.54
N ILE B 23 12.82 1.45 4.44
CA ILE B 23 13.77 1.50 5.57
C ILE B 23 14.43 2.88 5.64
N ASP B 24 14.46 3.47 6.84
CA ASP B 24 15.04 4.79 7.02
C ASP B 24 16.46 4.76 7.59
N VAL B 25 16.70 3.86 8.54
CA VAL B 25 17.99 3.85 9.21
C VAL B 25 18.25 2.48 9.86
N LEU B 26 19.53 2.10 10.06
CA LEU B 26 19.84 0.97 10.93
C LEU B 26 19.87 1.47 12.39
N TYR B 27 19.47 0.62 13.32
CA TYR B 27 19.26 1.08 14.70
C TYR B 27 19.55 0.00 15.74
N THR B 28 20.10 0.40 16.89
CA THR B 28 20.21 -0.53 18.01
C THR B 28 19.55 0.02 19.24
N ASN B 29 19.12 -0.88 20.13
CA ASN B 29 18.60 -0.47 21.44
C ASN B 29 18.85 -1.58 22.48
N PRO B 30 20.09 -1.70 22.98
CA PRO B 30 20.49 -2.84 23.83
C PRO B 30 19.71 -2.94 25.12
N ASN B 31 19.18 -1.82 25.61
CA ASN B 31 18.55 -1.83 26.92
C ASN B 31 17.06 -2.14 26.87
N GLU B 32 16.61 -2.61 25.70
CA GLU B 32 15.23 -3.04 25.54
C GLU B 32 14.90 -4.13 26.56
N SER B 33 13.89 -3.87 27.38
CA SER B 33 13.46 -4.82 28.39
C SER B 33 12.45 -5.82 27.84
N ALA B 34 11.87 -5.51 26.68
CA ALA B 34 10.82 -6.35 26.11
C ALA B 34 11.42 -7.56 25.42
N ILE B 35 10.66 -8.63 25.39
CA ILE B 35 11.01 -9.79 24.58
C ILE B 35 10.78 -9.45 23.12
N VAL B 36 11.80 -9.59 22.26
CA VAL B 36 11.62 -9.32 20.83
C VAL B 36 11.20 -10.61 20.13
N GLN B 37 9.96 -10.63 19.66
CA GLN B 37 9.39 -11.85 19.09
C GLN B 37 8.39 -11.48 18.00
N CYS B 38 8.81 -10.63 17.09
CA CYS B 38 7.90 -10.24 16.01
C CYS B 38 7.60 -11.45 15.11
N GLN B 39 6.47 -11.39 14.41
CA GLN B 39 5.98 -12.54 13.65
C GLN B 39 6.01 -12.29 12.16
N ASN B 40 6.05 -11.01 11.75
CA ASN B 40 6.29 -10.69 10.35
C ASN B 40 7.76 -10.42 10.13
N GLY B 41 8.22 -10.63 8.91
CA GLY B 41 9.64 -10.51 8.61
C GLY B 41 10.50 -11.59 9.24
N ARG B 42 9.95 -12.80 9.31
CA ARG B 42 10.68 -13.92 9.93
C ARG B 42 10.94 -15.00 8.87
N CYS B 43 12.20 -15.28 8.62
CA CYS B 43 12.59 -16.24 7.60
C CYS B 43 13.95 -16.80 7.96
N THR B 44 14.11 -18.12 7.93
CA THR B 44 15.45 -18.70 8.18
C THR B 44 16.38 -18.42 7.01
N LEU B 45 17.68 -18.57 7.23
CA LEU B 45 18.61 -18.31 6.15
C LEU B 45 18.49 -19.33 5.02
N ASP B 46 17.92 -20.50 5.28
CA ASP B 46 17.77 -21.43 4.17
C ASP B 46 16.35 -21.37 3.59
N GLY B 47 15.64 -20.31 3.95
CA GLY B 47 14.43 -19.90 3.23
C GLY B 47 13.10 -20.41 3.76
N GLU B 48 13.05 -20.79 5.03
CA GLU B 48 11.78 -21.21 5.65
C GLU B 48 11.09 -20.04 6.33
N LEU B 49 9.93 -19.63 5.79
CA LEU B 49 9.12 -18.58 6.44
C LEU B 49 8.61 -19.03 7.80
N GLN B 50 8.53 -18.09 8.74
CA GLN B 50 8.04 -18.39 10.08
CA GLN B 50 8.07 -18.37 10.11
C GLN B 50 6.98 -17.39 10.53
N GLY B 51 6.32 -17.69 11.64
CA GLY B 51 5.33 -16.76 12.16
C GLY B 51 4.18 -16.50 11.21
N THR B 52 3.87 -15.24 10.97
CA THR B 52 2.81 -14.87 10.03
C THR B 52 3.40 -14.31 8.75
N THR B 53 4.66 -14.63 8.49
CA THR B 53 5.36 -14.02 7.36
C THR B 53 4.90 -14.56 6.01
N GLN B 54 4.61 -13.65 5.09
CA GLN B 54 4.29 -14.03 3.71
C GLN B 54 5.10 -13.11 2.78
N LEU B 55 5.04 -13.35 1.48
CA LEU B 55 5.97 -12.73 0.55
C LEU B 55 5.55 -11.37 0.01
N LEU B 56 4.24 -11.07 0.01
CA LEU B 56 3.77 -9.85 -0.66
C LEU B 56 3.99 -8.61 0.18
N PRO B 57 4.64 -7.58 -0.38
CA PRO B 57 4.73 -6.33 0.35
C PRO B 57 3.33 -5.75 0.61
N THR B 58 2.39 -6.05 -0.26
CA THR B 58 1.01 -5.57 -0.11
C THR B 58 0.24 -6.35 0.95
N GLY B 59 0.79 -7.45 1.41
CA GLY B 59 0.10 -8.28 2.36
C GLY B 59 0.44 -7.95 3.80
N ILE B 60 1.49 -7.15 4.01
CA ILE B 60 1.94 -6.84 5.37
C ILE B 60 0.95 -5.92 6.10
N CYS B 61 0.38 -6.40 7.20
CA CYS B 61 -0.65 -5.69 7.98
C CYS B 61 -1.91 -5.43 7.18
N ALA B 62 -2.16 -6.28 6.19
CA ALA B 62 -3.37 -6.22 5.41
C ALA B 62 -4.37 -7.26 5.90
N PHE B 63 -5.64 -6.99 5.63
CA PHE B 63 -6.72 -7.96 5.86
C PHE B 63 -7.62 -8.01 4.66
N ARG B 64 -8.18 -9.19 4.45
CA ARG B 64 -9.19 -9.40 3.43
C ARG B 64 -10.31 -10.17 4.10
N GLY B 65 -11.57 -9.85 3.77
CA GLY B 65 -12.68 -10.58 4.33
C GLY B 65 -14.03 -9.98 3.98
N LYS B 66 -14.99 -10.12 4.89
CA LYS B 66 -16.32 -9.61 4.69
C LYS B 66 -16.86 -9.07 6.00
N VAL B 67 -17.50 -7.91 5.95
CA VAL B 67 -18.15 -7.36 7.14
C VAL B 67 -19.42 -8.15 7.48
N THR B 68 -19.61 -8.49 8.75
CA THR B 68 -20.78 -9.24 9.17
C THR B 68 -21.90 -8.33 9.68
N GLN B 69 -21.53 -7.33 10.48
CA GLN B 69 -22.51 -6.43 11.08
C GLN B 69 -21.84 -5.24 11.75
N GLN B 70 -22.63 -4.21 11.97
CA GLN B 70 -22.22 -3.11 12.81
C GLN B 70 -22.24 -3.58 14.26
N VAL B 71 -21.31 -3.07 15.06
CA VAL B 71 -21.20 -3.40 16.48
C VAL B 71 -21.21 -2.12 17.30
N GLY B 77 -16.89 6.20 18.49
CA GLY B 77 -16.82 5.82 17.09
C GLY B 77 -17.83 4.77 16.71
N THR B 78 -17.82 4.37 15.44
CA THR B 78 -18.66 3.28 14.95
C THR B 78 -17.83 2.04 14.70
N HIS B 79 -18.30 0.88 15.17
CA HIS B 79 -17.51 -0.35 15.09
C HIS B 79 -18.18 -1.40 14.22
N TRP B 80 -17.36 -2.15 13.49
CA TRP B 80 -17.80 -3.15 12.54
C TRP B 80 -17.06 -4.46 12.78
N ASN B 81 -17.79 -5.56 12.73
CA ASN B 81 -17.19 -6.88 12.80
C ASN B 81 -16.92 -7.42 11.40
N MET B 82 -15.74 -7.98 11.22
CA MET B 82 -15.29 -8.45 9.92
C MET B 82 -14.71 -9.86 10.03
N THR B 83 -15.24 -10.80 9.25
CA THR B 83 -14.56 -12.08 9.14
C THR B 83 -13.32 -11.86 8.31
N VAL B 84 -12.23 -12.54 8.65
CA VAL B 84 -11.03 -12.44 7.83
C VAL B 84 -10.70 -13.78 7.20
N THR B 85 -10.24 -13.73 5.95
CA THR B 85 -9.83 -14.92 5.23
C THR B 85 -8.32 -14.91 5.08
N ASN B 86 -7.77 -15.93 4.45
CA ASN B 86 -6.40 -15.80 3.97
C ASN B 86 -6.36 -14.69 2.94
N LEU B 87 -5.19 -14.12 2.72
CA LEU B 87 -5.06 -13.00 1.79
C LEU B 87 -5.36 -13.44 0.35
N ASN B 88 -5.22 -14.73 0.04
CA ASN B 88 -5.59 -15.20 -1.31
C ASN B 88 -7.08 -15.46 -1.46
N GLY B 89 -7.85 -15.13 -0.42
CA GLY B 89 -9.30 -15.22 -0.51
C GLY B 89 -9.90 -16.50 0.02
N THR B 90 -9.06 -17.52 0.21
CA THR B 90 -9.56 -18.80 0.72
C THR B 90 -9.89 -18.67 2.21
N PRO B 91 -10.88 -19.42 2.70
CA PRO B 91 -11.27 -19.33 4.12
C PRO B 91 -10.09 -19.65 5.02
N PHE B 92 -9.91 -18.92 6.11
CA PHE B 92 -8.84 -19.23 7.07
C PHE B 92 -9.26 -20.39 7.95
N ASP B 93 -8.40 -21.41 8.05
CA ASP B 93 -8.66 -22.55 8.92
C ASP B 93 -7.88 -22.36 10.22
N PRO B 94 -8.59 -22.08 11.34
CA PRO B 94 -7.90 -21.82 12.61
C PRO B 94 -7.04 -22.98 13.09
N THR B 95 -7.26 -24.20 12.59
CA THR B 95 -6.44 -25.32 13.05
C THR B 95 -5.10 -25.36 12.32
N GLU B 96 -4.91 -24.48 11.34
CA GLU B 96 -3.63 -24.42 10.65
C GLU B 96 -2.52 -24.03 11.62
N ASP B 97 -1.31 -24.52 11.37
CA ASP B 97 -0.18 -24.36 12.28
C ASP B 97 0.49 -22.97 12.12
N VAL B 98 -0.29 -21.91 12.23
CA VAL B 98 0.20 -20.53 12.17
C VAL B 98 -0.47 -19.73 13.27
N PRO B 99 0.14 -18.61 13.68
CA PRO B 99 -0.49 -17.83 14.76
C PRO B 99 -1.78 -17.14 14.35
N ALA B 100 -1.95 -16.88 13.04
CA ALA B 100 -3.00 -16.03 12.50
C ALA B 100 -2.82 -16.06 10.98
N PRO B 101 -3.80 -15.52 10.21
CA PRO B 101 -3.60 -15.44 8.76
C PRO B 101 -2.30 -14.74 8.40
N LEU B 102 -1.57 -15.22 7.40
CA LEU B 102 -0.30 -14.56 7.08
C LEU B 102 -0.57 -13.10 6.74
N GLY B 103 0.31 -12.22 7.21
CA GLY B 103 0.20 -10.78 7.01
C GLY B 103 -0.41 -10.04 8.20
N THR B 104 -1.08 -10.77 9.08
CA THR B 104 -1.71 -10.17 10.27
C THR B 104 -0.69 -9.29 11.02
N PRO B 105 -1.09 -8.09 11.49
CA PRO B 105 -0.19 -7.25 12.29
C PRO B 105 0.38 -8.00 13.48
N ASP B 106 1.64 -7.71 13.83
CA ASP B 106 2.29 -8.45 14.90
C ASP B 106 2.65 -7.55 16.10
N PHE B 107 1.94 -6.44 16.27
CA PHE B 107 2.19 -5.58 17.41
C PHE B 107 0.92 -4.95 17.94
N SER B 108 0.99 -4.52 19.19
CA SER B 108 -0.10 -3.80 19.87
C SER B 108 -0.15 -2.34 19.41
N GLY B 109 -1.33 -1.87 19.02
CA GLY B 109 -1.47 -0.48 18.61
C GLY B 109 -2.80 -0.25 17.94
N GLN B 110 -3.05 1.00 17.58
CA GLN B 110 -4.20 1.37 16.76
C GLN B 110 -3.72 1.55 15.35
N ILE B 111 -3.93 0.56 14.51
CA ILE B 111 -3.44 0.62 13.13
C ILE B 111 -4.46 1.35 12.28
N TYR B 112 -3.98 2.36 11.56
CA TYR B 112 -4.81 3.26 10.77
C TYR B 112 -4.65 2.91 9.30
N GLY B 113 -5.76 2.87 8.58
CA GLY B 113 -5.67 2.60 7.15
C GLY B 113 -7.02 2.87 6.50
N VAL B 114 -7.26 2.24 5.35
CA VAL B 114 -8.50 2.43 4.62
C VAL B 114 -9.18 1.09 4.41
N ILE B 115 -10.45 1.01 4.80
CA ILE B 115 -11.30 -0.13 4.46
C ILE B 115 -11.99 0.18 3.15
N SER B 116 -11.86 -0.71 2.15
CA SER B 116 -12.58 -0.52 0.89
C SER B 116 -13.42 -1.74 0.56
N GLN B 117 -14.51 -1.50 -0.15
CA GLN B 117 -15.41 -2.57 -0.56
C GLN B 117 -15.79 -2.45 -2.02
N ARG B 118 -15.92 -3.60 -2.68
CA ARG B 118 -16.48 -3.70 -4.01
C ARG B 118 -17.54 -4.77 -3.99
N ASN B 119 -18.79 -4.39 -4.25
CA ASN B 119 -19.87 -5.35 -4.15
C ASN B 119 -19.77 -6.52 -5.14
N THR B 120 -20.30 -7.66 -4.71
CA THR B 120 -20.38 -8.86 -5.52
C THR B 120 -21.46 -8.73 -6.62
N ASN B 121 -22.57 -8.11 -6.27
CA ASN B 121 -23.66 -8.01 -7.24
C ASN B 121 -23.57 -6.69 -7.99
N GLY B 127 -24.26 0.07 -15.11
CA GLY B 127 -24.34 -0.82 -16.25
C GLY B 127 -23.57 -2.11 -16.05
N ASN B 128 -24.15 -3.03 -15.29
CA ASN B 128 -23.50 -4.29 -14.93
C ASN B 128 -22.25 -4.08 -14.10
N LEU B 129 -22.15 -2.92 -13.45
CA LEU B 129 -20.97 -2.59 -12.64
C LEU B 129 -21.31 -2.51 -11.14
N PRO B 130 -20.39 -2.99 -10.30
CA PRO B 130 -20.64 -3.04 -8.86
C PRO B 130 -20.48 -1.68 -8.15
N ALA B 131 -21.18 -1.48 -7.04
CA ALA B 131 -20.99 -0.29 -6.21
C ALA B 131 -19.76 -0.45 -5.34
N ASN B 132 -19.15 0.68 -4.96
CA ASN B 132 -17.93 0.74 -4.17
C ASN B 132 -18.04 1.74 -3.05
N ARG B 133 -17.25 1.53 -2.00
CA ARG B 133 -17.08 2.56 -0.98
C ARG B 133 -15.75 2.32 -0.25
N ALA B 134 -15.16 3.38 0.27
CA ALA B 134 -13.95 3.26 1.08
C ALA B 134 -13.98 4.30 2.18
N HIS B 135 -13.45 3.95 3.36
CA HIS B 135 -13.44 4.86 4.48
C HIS B 135 -12.17 4.68 5.28
N GLU B 136 -11.71 5.76 5.92
CA GLU B 136 -10.65 5.60 6.90
C GLU B 136 -11.14 4.68 8.03
N ALA B 137 -10.23 3.88 8.56
CA ALA B 137 -10.59 2.91 9.58
C ALA B 137 -9.43 2.66 10.54
N VAL B 138 -9.76 2.18 11.72
CA VAL B 138 -8.75 1.86 12.73
C VAL B 138 -8.95 0.45 13.27
N ILE B 139 -7.87 -0.31 13.39
CA ILE B 139 -7.93 -1.62 13.99
C ILE B 139 -7.09 -1.61 15.26
N ALA B 140 -7.73 -1.80 16.40
CA ALA B 140 -7.03 -1.86 17.68
C ALA B 140 -6.62 -3.31 17.94
N THR B 141 -5.33 -3.59 17.79
CA THR B 141 -4.88 -4.99 17.86
C THR B 141 -4.81 -5.53 19.28
N TYR B 142 -5.00 -4.64 20.26
CA TYR B 142 -4.98 -5.01 21.67
C TYR B 142 -6.40 -5.28 22.18
N SER B 143 -7.39 -5.05 21.35
CA SER B 143 -8.78 -5.24 21.74
C SER B 143 -9.13 -6.70 21.94
N PRO B 144 -10.03 -7.01 22.88
CA PRO B 144 -10.51 -8.39 23.02
C PRO B 144 -11.22 -8.88 21.76
N LYS B 145 -11.63 -7.94 20.91
CA LYS B 145 -12.31 -8.31 19.66
C LYS B 145 -11.36 -8.50 18.49
N PHE B 146 -10.06 -8.30 18.71
CA PHE B 146 -9.06 -8.60 17.69
C PHE B 146 -8.73 -10.09 17.76
N THR B 147 -9.44 -10.91 17.00
CA THR B 147 -9.22 -12.35 17.11
C THR B 147 -8.98 -13.01 15.75
N PRO B 148 -7.94 -12.58 15.05
CA PRO B 148 -7.71 -13.06 13.67
C PRO B 148 -7.46 -14.57 13.62
N LYS B 149 -6.87 -15.17 14.65
CA LYS B 149 -6.69 -16.62 14.64
C LYS B 149 -8.03 -17.35 14.65
N LEU B 150 -9.07 -16.67 15.12
CA LEU B 150 -10.44 -17.24 15.10
C LEU B 150 -11.23 -16.77 13.90
N GLY B 151 -10.58 -16.02 13.02
CA GLY B 151 -11.21 -15.62 11.77
C GLY B 151 -12.08 -14.38 11.87
N ASN B 152 -11.90 -13.59 12.93
CA ASN B 152 -12.71 -12.37 13.09
C ASN B 152 -12.00 -11.23 13.77
N ILE B 153 -12.18 -10.03 13.24
CA ILE B 153 -11.65 -8.82 13.88
C ILE B 153 -12.72 -7.74 13.86
N GLN B 154 -12.45 -6.65 14.58
CA GLN B 154 -13.30 -5.47 14.51
C GLN B 154 -12.47 -4.27 14.10
N PHE B 155 -13.11 -3.36 13.38
CA PHE B 155 -12.45 -2.10 13.04
C PHE B 155 -13.43 -1.00 13.34
N SER B 156 -12.92 0.20 13.53
CA SER B 156 -13.80 1.34 13.80
C SER B 156 -13.63 2.37 12.70
N THR B 157 -14.71 3.10 12.44
CA THR B 157 -14.68 4.16 11.45
C THR B 157 -15.14 5.46 12.10
N TRP B 158 -14.77 6.58 11.50
CA TRP B 158 -15.37 7.86 11.82
C TRP B 158 -16.74 7.89 11.14
N GLU B 159 -16.76 7.37 9.91
CA GLU B 159 -17.98 7.13 9.11
C GLU B 159 -19.02 6.36 9.92
N THR B 160 -20.27 6.82 9.87
CA THR B 160 -21.28 6.25 10.75
C THR B 160 -22.20 5.19 10.13
N GLN B 161 -22.30 5.11 8.79
CA GLN B 161 -23.32 4.23 8.24
C GLN B 161 -22.98 3.44 6.97
N ASP B 162 -22.12 3.97 6.11
CA ASP B 162 -21.99 3.40 4.78
C ASP B 162 -20.92 2.31 4.70
N VAL B 163 -21.07 1.27 5.51
CA VAL B 163 -20.24 0.07 5.38
C VAL B 163 -21.20 -1.08 5.17
N SER B 164 -20.98 -1.85 4.10
CA SER B 164 -21.94 -2.85 3.68
C SER B 164 -21.63 -4.23 4.26
N SER B 165 -22.65 -4.93 4.73
CA SER B 165 -22.47 -6.28 5.22
C SER B 165 -22.43 -7.27 4.07
N GLY B 166 -21.65 -8.33 4.24
CA GLY B 166 -21.64 -9.43 3.28
C GLY B 166 -20.96 -9.15 1.96
N GLN B 167 -20.14 -8.09 1.91
CA GLN B 167 -19.46 -7.70 0.67
C GLN B 167 -17.95 -7.75 0.83
N PRO B 168 -17.23 -8.13 -0.25
CA PRO B 168 -15.77 -8.23 -0.20
C PRO B 168 -15.13 -6.96 0.32
N THR B 169 -14.26 -7.11 1.31
CA THR B 169 -13.72 -5.98 2.05
C THR B 169 -12.19 -6.10 2.15
N LYS B 170 -11.52 -4.98 1.96
CA LYS B 170 -10.06 -4.92 1.96
C LYS B 170 -9.58 -3.88 2.98
N PHE B 171 -8.55 -4.19 3.77
CA PHE B 171 -7.92 -3.19 4.61
C PHE B 171 -6.54 -2.87 4.07
N THR B 172 -6.33 -1.60 3.70
CA THR B 172 -5.02 -1.12 3.28
C THR B 172 -4.39 -0.33 4.42
N PRO B 173 -3.30 -0.84 4.99
CA PRO B 173 -2.69 -0.14 6.13
C PRO B 173 -2.02 1.15 5.68
N VAL B 174 -2.03 2.17 6.53
CA VAL B 174 -1.34 3.43 6.21
C VAL B 174 -0.39 3.88 7.34
N GLY B 175 -0.80 3.70 8.60
CA GLY B 175 0.10 4.09 9.70
C GLY B 175 -0.56 3.75 11.02
N LEU B 176 -0.34 4.61 12.03
CA LEU B 176 -1.02 4.47 13.34
C LEU B 176 -2.02 5.58 13.53
N ALA B 177 -3.07 5.32 14.29
CA ALA B 177 -4.09 6.35 14.58
C ALA B 177 -3.54 7.36 15.59
N SER B 178 -2.79 6.84 16.55
CA SER B 178 -2.30 7.61 17.67
C SER B 178 -1.17 6.84 18.34
N VAL B 179 -0.28 7.54 19.06
CA VAL B 179 0.59 6.84 20.01
C VAL B 179 0.44 7.43 21.42
N ASP B 180 -0.73 7.98 21.73
CA ASP B 180 -0.93 8.49 23.08
C ASP B 180 -1.13 7.33 24.07
N ALA B 181 -1.24 7.65 25.35
CA ALA B 181 -1.32 6.63 26.40
C ALA B 181 -2.44 5.62 26.15
N ASN B 182 -3.62 6.10 25.80
CA ASN B 182 -4.76 5.22 25.62
C ASN B 182 -4.72 4.42 24.33
N SER B 183 -3.64 4.53 23.56
CA SER B 183 -3.59 3.89 22.25
C SER B 183 -2.72 2.63 22.27
N HIS B 184 -2.08 2.36 23.39
CA HIS B 184 -1.37 1.11 23.65
C HIS B 184 -0.41 0.68 22.56
N PHE B 185 0.34 1.63 22.01
CA PHE B 185 1.36 1.27 21.02
C PHE B 185 2.58 0.67 21.72
N ASP B 186 2.91 -0.56 21.38
CA ASP B 186 4.15 -1.19 21.83
C ASP B 186 4.56 -2.15 20.76
N GLN B 187 5.60 -1.82 20.00
CA GLN B 187 5.90 -2.65 18.83
C GLN B 187 6.36 -4.06 19.19
N TRP B 188 6.73 -4.32 20.45
CA TRP B 188 7.20 -5.66 20.83
C TRP B 188 6.18 -6.44 21.65
N THR B 189 5.00 -5.88 21.85
CA THR B 189 3.94 -6.63 22.50
C THR B 189 3.09 -7.28 21.42
N LEU B 190 3.05 -8.61 21.40
CA LEU B 190 2.21 -9.32 20.45
C LEU B 190 0.73 -9.15 20.74
N PRO B 191 -0.10 -9.08 19.67
CA PRO B 191 -1.54 -9.20 19.91
C PRO B 191 -1.85 -10.58 20.49
N SER B 192 -2.97 -10.70 21.20
CA SER B 192 -3.49 -12.01 21.56
C SER B 192 -4.34 -12.47 20.38
N TYR B 193 -3.75 -13.28 19.50
CA TYR B 193 -4.38 -13.57 18.22
C TYR B 193 -5.70 -14.29 18.37
N SER B 194 -5.89 -15.02 19.48
CA SER B 194 -7.19 -15.65 19.75
C SER B 194 -7.96 -14.95 20.85
N GLY B 195 -7.52 -13.75 21.24
CA GLY B 195 -8.29 -13.03 22.24
C GLY B 195 -8.01 -13.64 23.58
N ALA B 196 -8.91 -13.35 24.52
CA ALA B 196 -8.76 -13.81 25.89
C ALA B 196 -8.93 -15.34 25.97
N LEU B 197 -9.30 -15.99 24.87
CA LEU B 197 -9.74 -17.39 24.94
C LEU B 197 -8.63 -18.43 24.90
N THR B 198 -7.52 -18.17 24.21
CA THR B 198 -6.37 -19.07 24.25
C THR B 198 -5.08 -18.27 24.03
N LEU B 199 -3.97 -18.81 24.51
CA LEU B 199 -2.65 -18.22 24.31
C LEU B 199 -2.22 -18.33 22.84
N ASN B 200 -1.29 -17.48 22.43
CA ASN B 200 -0.71 -17.54 21.09
C ASN B 200 0.02 -18.85 20.83
N MET B 201 -0.03 -19.33 19.57
CA MET B 201 0.58 -20.61 19.21
C MET B 201 1.42 -20.56 17.94
N ASN B 202 2.31 -21.54 17.81
CA ASN B 202 3.12 -21.71 16.62
C ASN B 202 3.94 -20.47 16.31
N LEU B 203 4.39 -19.75 17.35
CA LEU B 203 5.05 -18.46 17.12
C LEU B 203 6.47 -18.62 16.58
N ALA B 204 6.88 -17.71 15.70
CA ALA B 204 8.32 -17.56 15.45
C ALA B 204 8.98 -17.25 16.79
N PRO B 205 10.16 -17.84 17.06
CA PRO B 205 10.73 -17.73 18.41
C PRO B 205 11.29 -16.35 18.74
N SER B 206 11.49 -16.11 20.03
CA SER B 206 12.09 -14.83 20.40
C SER B 206 13.56 -14.81 19.97
N VAL B 207 14.09 -13.61 19.76
CA VAL B 207 15.48 -13.44 19.32
C VAL B 207 16.22 -12.56 20.32
N ALA B 208 17.50 -12.85 20.49
CA ALA B 208 18.33 -12.16 21.47
C ALA B 208 19.77 -12.53 21.19
N PRO B 209 20.71 -11.64 21.54
CA PRO B 209 22.12 -12.06 21.44
C PRO B 209 22.39 -13.10 22.52
N VAL B 210 23.31 -14.02 22.28
CA VAL B 210 23.59 -15.01 23.30
C VAL B 210 24.92 -14.75 23.99
N PHE B 211 25.76 -13.95 23.36
CA PHE B 211 27.08 -13.66 23.89
C PHE B 211 27.23 -12.22 24.36
N PRO B 212 27.98 -12.02 25.46
CA PRO B 212 28.11 -10.69 26.05
C PRO B 212 28.72 -9.70 25.07
N GLY B 213 28.26 -8.46 25.13
CA GLY B 213 28.79 -7.43 24.26
C GLY B 213 28.05 -7.29 22.94
N GLU B 214 27.13 -8.21 22.64
CA GLU B 214 26.36 -8.09 21.41
C GLU B 214 24.95 -7.58 21.68
N CYS B 215 24.34 -6.99 20.65
CA CYS B 215 22.94 -6.57 20.71
C CYS B 215 22.31 -6.78 19.33
N LEU B 216 20.99 -6.78 19.29
CA LEU B 216 20.28 -6.87 18.01
C LEU B 216 20.47 -5.64 17.14
N LEU B 217 20.52 -5.84 15.83
CA LEU B 217 20.56 -4.73 14.88
C LEU B 217 19.24 -4.72 14.10
N PHE B 218 18.59 -3.56 14.05
CA PHE B 218 17.28 -3.44 13.41
C PHE B 218 17.32 -2.60 12.16
N PHE B 219 16.42 -2.90 11.24
CA PHE B 219 16.08 -2.01 10.13
C PHE B 219 14.86 -1.19 10.53
N ARG B 220 15.06 0.11 10.73
CA ARG B 220 14.05 0.98 11.35
C ARG B 220 13.32 1.82 10.32
N SER B 221 11.99 1.88 10.44
CA SER B 221 11.16 2.77 9.61
C SER B 221 10.33 3.67 10.48
N PHE B 222 10.14 4.92 10.08
CA PHE B 222 9.19 5.76 10.82
C PHE B 222 7.80 5.62 10.21
N ILE B 223 6.81 5.48 11.07
CA ILE B 223 5.46 5.15 10.64
C ILE B 223 4.56 6.38 10.77
N PRO B 224 3.73 6.66 9.74
CA PRO B 224 2.84 7.84 9.79
C PRO B 224 1.84 7.82 10.94
N LEU B 225 1.40 9.00 11.34
CA LEU B 225 0.36 9.15 12.35
C LEU B 225 -0.84 9.92 11.82
N LYS B 226 -2.05 9.45 12.14
CA LYS B 226 -3.27 10.17 11.77
C LYS B 226 -3.37 11.51 12.47
N GLY B 227 -2.87 11.55 13.71
CA GLY B 227 -2.92 12.77 14.49
C GLY B 227 -2.09 12.67 15.76
N GLY B 228 -2.05 13.78 16.50
CA GLY B 228 -1.38 13.82 17.78
C GLY B 228 0.11 14.01 17.63
N TYR B 229 0.81 13.83 18.75
CA TYR B 229 2.24 14.06 18.82
C TYR B 229 2.99 12.76 18.79
N GLY B 230 4.18 12.76 18.21
CA GLY B 230 5.03 11.59 18.26
C GLY B 230 5.87 11.40 17.02
N ASN B 231 6.91 10.58 17.14
CA ASN B 231 7.71 10.17 16.00
C ASN B 231 7.90 8.65 16.05
N PRO B 232 6.79 7.89 15.98
CA PRO B 232 6.89 6.44 16.15
C PRO B 232 7.64 5.71 15.05
N ALA B 233 8.27 4.62 15.44
CA ALA B 233 9.04 3.79 14.51
C ALA B 233 8.66 2.33 14.63
N ILE B 234 8.94 1.59 13.55
CA ILE B 234 8.73 0.14 13.52
C ILE B 234 10.04 -0.47 13.10
N ASP B 235 10.57 -1.36 13.93
CA ASP B 235 11.88 -2.00 13.70
C ASP B 235 11.70 -3.42 13.22
N CYS B 236 12.30 -3.78 12.08
CA CYS B 236 12.23 -5.19 11.66
C CYS B 236 13.61 -5.87 11.70
N LEU B 237 13.59 -7.20 11.79
CA LEU B 237 14.83 -7.98 11.92
C LEU B 237 15.55 -8.10 10.58
N MET B 238 14.77 -8.22 9.51
CA MET B 238 15.29 -8.28 8.12
C MET B 238 14.31 -7.59 7.23
N PRO B 239 14.80 -6.87 6.23
CA PRO B 239 13.85 -6.22 5.31
C PRO B 239 13.09 -7.23 4.45
N GLN B 240 11.98 -6.78 3.88
CA GLN B 240 11.16 -7.70 3.11
C GLN B 240 11.92 -8.28 1.92
N GLU B 241 12.83 -7.50 1.32
CA GLU B 241 13.60 -8.01 0.19
C GLU B 241 14.54 -9.15 0.58
N TRP B 242 15.02 -9.14 1.82
CA TRP B 242 15.83 -10.27 2.28
C TRP B 242 14.96 -11.51 2.45
N VAL B 243 13.78 -11.34 3.06
CA VAL B 243 12.85 -12.46 3.17
C VAL B 243 12.58 -13.07 1.79
N GLN B 244 12.26 -12.21 0.83
CA GLN B 244 11.99 -12.71 -0.51
C GLN B 244 13.19 -13.42 -1.14
N HIS B 245 14.38 -12.86 -0.94
CA HIS B 245 15.60 -13.42 -1.51
C HIS B 245 15.95 -14.78 -0.91
N LEU B 246 15.89 -14.86 0.41
CA LEU B 246 16.17 -16.12 1.12
C LEU B 246 15.20 -17.23 0.70
N TYR B 247 13.93 -16.87 0.60
CA TYR B 247 12.92 -17.81 0.14
C TYR B 247 13.24 -18.36 -1.26
N GLN B 248 13.66 -17.48 -2.17
CA GLN B 248 14.03 -17.88 -3.53
C GLN B 248 15.23 -18.81 -3.55
N GLU B 249 16.28 -18.41 -2.86
CA GLU B 249 17.58 -19.07 -2.96
C GLU B 249 17.64 -20.40 -2.25
N SER B 250 17.04 -20.46 -1.05
CA SER B 250 17.09 -21.66 -0.21
C SER B 250 18.49 -22.27 -0.15
N ALA B 251 19.50 -21.44 0.05
CA ALA B 251 20.88 -21.93 0.11
C ALA B 251 21.09 -22.69 1.40
N PRO B 252 21.79 -23.83 1.34
CA PRO B 252 22.04 -24.58 2.58
C PRO B 252 22.79 -23.74 3.60
N SER B 253 22.36 -23.77 4.86
CA SER B 253 23.11 -23.06 5.89
C SER B 253 24.25 -23.95 6.34
N LEU B 254 25.48 -23.44 6.28
CA LEU B 254 26.62 -24.32 6.50
C LEU B 254 27.16 -24.31 7.92
N SER B 255 26.82 -23.28 8.70
CA SER B 255 27.18 -23.28 10.11
C SER B 255 26.16 -22.45 10.88
N ASP B 256 26.55 -21.98 12.07
CA ASP B 256 25.60 -21.31 12.96
C ASP B 256 25.19 -19.93 12.50
N VAL B 257 26.12 -19.24 11.86
CA VAL B 257 26.04 -17.84 11.59
C VAL B 257 26.62 -17.45 10.25
N ALA B 258 25.95 -16.57 9.51
CA ALA B 258 26.56 -16.02 8.31
C ALA B 258 27.23 -14.70 8.72
N LEU B 259 28.55 -14.65 8.62
CA LEU B 259 29.26 -13.41 8.90
C LEU B 259 29.05 -12.45 7.74
N VAL B 260 28.52 -11.25 8.02
CA VAL B 260 28.29 -10.25 6.98
C VAL B 260 29.05 -8.97 7.29
N ARG B 261 29.46 -8.25 6.25
CA ARG B 261 30.19 -7.00 6.41
C ARG B 261 29.38 -5.90 5.75
N TYR B 262 29.22 -4.76 6.44
CA TYR B 262 28.56 -3.59 5.85
C TYR B 262 29.63 -2.80 5.14
N VAL B 263 29.53 -2.65 3.82
CA VAL B 263 30.63 -2.08 3.07
C VAL B 263 30.24 -0.78 2.38
N ASN B 264 31.21 0.11 2.23
CA ASN B 264 31.09 1.32 1.43
C ASN B 264 31.70 1.07 0.06
N PRO B 265 30.86 0.93 -0.98
CA PRO B 265 31.37 0.59 -2.33
C PRO B 265 32.23 1.69 -2.93
N GLU B 266 32.04 2.93 -2.49
CA GLU B 266 32.82 4.05 -3.01
C GLU B 266 34.26 4.05 -2.52
N THR B 267 34.46 3.73 -1.24
CA THR B 267 35.82 3.71 -0.66
C THR B 267 36.42 2.30 -0.65
N GLY B 268 35.56 1.30 -0.82
CA GLY B 268 35.98 -0.09 -0.80
C GLY B 268 36.20 -0.62 0.60
N ARG B 269 35.87 0.19 1.60
CA ARG B 269 36.16 -0.21 2.97
C ARG B 269 34.98 -0.88 3.67
N THR B 270 35.29 -1.81 4.56
CA THR B 270 34.29 -2.37 5.44
C THR B 270 34.04 -1.41 6.60
N LEU B 271 32.78 -1.06 6.83
CA LEU B 271 32.44 -0.16 7.94
C LEU B 271 32.23 -0.89 9.26
N PHE B 272 31.53 -2.02 9.22
CA PHE B 272 31.40 -2.89 10.39
C PHE B 272 30.98 -4.29 9.98
N GLU B 273 31.07 -5.24 10.92
CA GLU B 273 30.64 -6.60 10.65
C GLU B 273 29.50 -6.95 11.59
N ALA B 274 28.69 -7.93 11.17
CA ALA B 274 27.57 -8.38 11.98
C ALA B 274 27.43 -9.88 11.87
N LYS B 275 26.78 -10.51 12.84
CA LYS B 275 26.40 -11.92 12.72
C LYS B 275 24.98 -12.03 12.20
N LEU B 276 24.78 -12.72 11.09
CA LEU B 276 23.43 -13.01 10.62
C LEU B 276 23.12 -14.44 11.05
N HIS B 277 22.27 -14.58 12.06
CA HIS B 277 21.98 -15.88 12.65
C HIS B 277 21.03 -16.69 11.77
N ARG B 278 21.16 -18.02 11.82
CA ARG B 278 20.36 -18.95 11.02
C ARG B 278 18.86 -18.69 11.10
N ASN B 279 18.39 -18.32 12.29
CA ASN B 279 16.95 -18.07 12.45
C ASN B 279 16.49 -16.81 11.73
N GLY B 280 17.42 -15.94 11.37
CA GLY B 280 17.12 -14.79 10.53
C GLY B 280 17.07 -13.47 11.28
N PHE B 281 18.17 -13.14 11.96
CA PHE B 281 18.28 -11.86 12.62
C PHE B 281 19.75 -11.53 12.79
N LEU B 282 20.02 -10.25 13.01
CA LEU B 282 21.40 -9.74 13.08
C LEU B 282 21.79 -9.33 14.50
N THR B 283 23.04 -9.62 14.87
CA THR B 283 23.61 -8.99 16.06
C THR B 283 24.91 -8.28 15.68
N VAL B 284 25.25 -7.26 16.44
CA VAL B 284 26.49 -6.51 16.29
C VAL B 284 27.14 -6.35 17.65
N ALA B 285 28.43 -6.03 17.68
CA ALA B 285 29.08 -5.73 18.95
C ALA B 285 28.90 -4.27 19.25
N ARG B 286 27.82 -3.97 19.97
CA ARG B 286 27.52 -2.59 20.32
C ARG B 286 26.78 -2.59 21.65
N ASN B 287 27.02 -1.57 22.48
CA ASN B 287 26.29 -1.46 23.73
C ASN B 287 25.74 -0.05 23.94
N SER B 288 25.35 0.60 22.85
CA SER B 288 24.63 1.88 22.92
C SER B 288 23.36 1.84 22.10
N ALA B 289 22.42 2.72 22.43
CA ALA B 289 21.21 2.81 21.61
C ALA B 289 21.33 3.94 20.62
N GLY B 290 20.67 3.78 19.48
CA GLY B 290 20.59 4.84 18.49
C GLY B 290 20.99 4.42 17.09
N PRO B 291 21.04 5.38 16.17
CA PRO B 291 21.30 5.06 14.76
C PRO B 291 22.71 4.59 14.46
N VAL B 292 22.84 3.82 13.39
CA VAL B 292 24.15 3.56 12.81
C VAL B 292 24.32 4.70 11.81
N VAL B 293 25.34 5.51 12.01
CA VAL B 293 25.62 6.63 11.12
C VAL B 293 26.43 6.07 9.97
N ALA B 294 25.81 5.93 8.81
CA ALA B 294 26.48 5.25 7.70
C ALA B 294 26.15 5.93 6.38
N PRO B 295 27.09 5.86 5.43
CA PRO B 295 26.90 6.49 4.12
C PRO B 295 25.70 5.88 3.42
N THR B 296 25.04 6.66 2.58
CA THR B 296 23.80 6.18 1.98
C THR B 296 24.06 5.08 0.97
N ASN B 297 25.32 4.88 0.54
CA ASN B 297 25.59 3.88 -0.47
C ASN B 297 25.93 2.49 0.12
N GLY B 298 25.89 2.37 1.45
CA GLY B 298 26.35 1.13 2.10
C GLY B 298 25.40 -0.04 1.97
N TYR B 299 25.92 -1.25 2.04
CA TYR B 299 25.09 -2.45 2.05
C TYR B 299 25.81 -3.64 2.66
N PHE B 300 25.04 -4.64 3.07
CA PHE B 300 25.64 -5.86 3.63
C PHE B 300 26.09 -6.84 2.55
N ARG B 301 27.27 -7.42 2.76
CA ARG B 301 27.86 -8.42 1.90
C ARG B 301 28.18 -9.67 2.72
N PHE B 302 27.78 -10.83 2.23
CA PHE B 302 28.13 -12.09 2.90
C PHE B 302 29.64 -12.37 2.77
N ASP B 303 30.27 -12.73 3.88
CA ASP B 303 31.70 -13.01 3.91
C ASP B 303 31.93 -14.52 4.00
N SER B 304 31.45 -15.13 5.07
CA SER B 304 31.68 -16.56 5.29
C SER B 304 30.80 -17.09 6.42
N TRP B 305 30.65 -18.41 6.48
CA TRP B 305 29.98 -19.06 7.59
C TRP B 305 30.91 -19.23 8.79
N VAL B 306 30.42 -18.86 9.97
CA VAL B 306 31.20 -19.02 11.18
C VAL B 306 30.32 -19.66 12.25
N ASN B 307 30.89 -20.02 13.39
CA ASN B 307 30.03 -20.49 14.46
C ASN B 307 29.77 -19.36 15.46
N GLN B 308 28.94 -19.65 16.45
CA GLN B 308 28.48 -18.61 17.36
C GLN B 308 29.59 -18.06 18.23
N PHE B 309 30.75 -18.74 18.25
CA PHE B 309 31.84 -18.34 19.13
C PHE B 309 32.71 -17.28 18.48
N TYR B 310 32.41 -16.94 17.24
CA TYR B 310 33.13 -15.87 16.57
C TYR B 310 32.97 -14.55 17.31
N THR B 311 34.05 -13.82 17.53
CA THR B 311 33.98 -12.54 18.25
C THR B 311 33.95 -11.37 17.28
N LEU B 312 32.83 -10.64 17.26
CA LEU B 312 32.69 -9.50 16.36
C LEU B 312 33.59 -8.35 16.77
N ALA B 313 34.14 -7.66 15.79
CA ALA B 313 34.84 -6.41 16.08
C ALA B 313 33.82 -5.35 16.50
N PRO B 314 34.16 -4.52 17.50
CA PRO B 314 33.19 -3.52 17.95
C PRO B 314 32.84 -2.57 16.82
N MET B 315 31.56 -2.23 16.69
CA MET B 315 31.20 -1.24 15.67
C MET B 315 31.15 0.17 16.28
N GLN C 1 -14.48 13.81 10.54
CA GLN C 1 -13.48 14.82 10.89
C GLN C 1 -14.16 16.08 11.41
N VAL C 2 -15.33 16.37 10.86
CA VAL C 2 -16.19 17.41 11.40
C VAL C 2 -17.11 16.76 12.43
N GLN C 3 -17.74 17.57 13.28
CA GLN C 3 -18.60 17.01 14.31
C GLN C 3 -20.00 17.62 14.25
N LEU C 4 -20.94 16.88 13.66
CA LEU C 4 -22.31 17.37 13.52
C LEU C 4 -23.13 17.12 14.79
N GLN C 5 -24.06 18.04 15.08
CA GLN C 5 -24.89 17.93 16.29
C GLN C 5 -26.34 18.34 16.01
N GLU C 6 -27.27 17.46 16.35
CA GLU C 6 -28.69 17.71 16.07
C GLU C 6 -29.42 18.36 17.25
N SER C 7 -30.55 19.01 16.94
CA SER C 7 -31.39 19.72 17.92
C SER C 7 -30.59 20.70 18.76
N LEU C 11 -40.02 14.36 20.92
CA LEU C 11 -41.15 13.53 21.34
C LEU C 11 -42.28 14.49 21.59
N VAL C 12 -43.34 14.40 20.79
CA VAL C 12 -44.34 15.47 20.67
C VAL C 12 -44.91 15.93 22.02
N ARG C 19 -37.41 23.49 16.79
CA ARG C 19 -36.34 23.80 15.85
C ARG C 19 -35.09 22.98 16.12
N LEU C 20 -34.82 22.02 15.26
CA LEU C 20 -33.59 21.22 15.36
C LEU C 20 -32.46 21.93 14.61
N SER C 21 -31.36 22.16 15.31
CA SER C 21 -30.19 22.81 14.73
C SER C 21 -29.10 21.79 14.44
N CYS C 22 -28.35 22.01 13.37
CA CYS C 22 -27.17 21.21 13.09
C CYS C 22 -25.94 22.11 13.14
N ALA C 23 -24.88 21.63 13.80
CA ALA C 23 -23.68 22.43 14.00
C ALA C 23 -22.42 21.60 13.80
N ALA C 24 -21.34 22.22 13.34
CA ALA C 24 -20.13 21.47 13.03
C ALA C 24 -18.89 21.99 13.75
N SER C 25 -17.77 21.29 13.58
CA SER C 25 -16.49 21.73 14.13
C SER C 25 -15.82 22.75 13.21
N SER C 30 -20.96 25.79 5.13
CA SER C 30 -19.83 25.66 4.23
C SER C 30 -19.81 24.31 3.51
N MET C 31 -20.72 23.42 3.87
CA MET C 31 -20.76 22.11 3.23
C MET C 31 -21.60 22.18 1.97
N HIS C 32 -21.48 21.15 1.12
CA HIS C 32 -22.06 21.21 -0.22
C HIS C 32 -23.51 20.72 -0.24
N VAL C 33 -23.82 19.80 0.66
CA VAL C 33 -25.20 19.39 0.86
C VAL C 33 -25.38 19.14 2.35
N VAL C 34 -26.55 19.49 2.88
CA VAL C 34 -26.90 19.09 4.24
C VAL C 34 -28.30 18.49 4.18
N GLY C 35 -28.49 17.33 4.80
CA GLY C 35 -29.76 16.66 4.75
C GLY C 35 -30.19 16.07 6.07
N TRP C 36 -31.50 15.90 6.23
CA TRP C 36 -32.09 15.26 7.41
C TRP C 36 -32.60 13.88 7.08
N TYR C 37 -32.31 12.91 7.95
CA TYR C 37 -32.68 11.52 7.75
C TYR C 37 -33.47 11.01 8.95
N ARG C 38 -34.09 9.84 8.80
CA ARG C 38 -34.91 9.20 9.84
C ARG C 38 -34.91 7.68 9.82
N GLN C 39 -34.94 7.06 11.00
CA GLN C 39 -35.04 5.60 11.14
C GLN C 39 -35.48 5.17 12.56
N GLU C 46 -34.12 6.31 6.20
CA GLU C 46 -34.59 6.82 4.91
C GLU C 46 -34.41 8.33 4.80
N LEU C 47 -34.14 8.81 3.58
CA LEU C 47 -34.00 10.24 3.34
C LEU C 47 -35.32 10.97 3.62
N VAL C 48 -35.21 12.17 4.21
CA VAL C 48 -36.38 12.99 4.52
C VAL C 48 -36.42 14.27 3.68
N ALA C 49 -35.34 15.05 3.77
CA ALA C 49 -35.23 16.33 3.08
C ALA C 49 -33.77 16.77 2.99
N SER C 50 -33.40 17.36 1.87
CA SER C 50 -32.01 17.77 1.64
C SER C 50 -31.97 19.17 1.03
N ILE C 51 -30.88 19.89 1.29
CA ILE C 51 -30.64 21.17 0.62
C ILE C 51 -29.18 21.27 0.19
N THR C 52 -28.95 21.75 -1.03
CA THR C 52 -27.59 21.88 -1.55
C THR C 52 -27.12 23.33 -1.51
N ASP C 53 -25.84 23.58 -1.80
CA ASP C 53 -25.36 24.95 -1.73
C ASP C 53 -25.82 25.77 -2.95
N ASP C 54 -26.54 25.13 -3.88
CA ASP C 54 -27.27 25.87 -4.92
C ASP C 54 -28.59 26.37 -4.37
N GLY C 55 -28.96 25.85 -3.20
CA GLY C 55 -30.25 26.16 -2.62
C GLY C 55 -31.34 25.18 -3.03
N SER C 56 -30.94 24.17 -3.82
CA SER C 56 -31.88 23.17 -4.33
C SER C 56 -32.36 22.26 -3.21
N THR C 57 -33.64 21.89 -3.23
CA THR C 57 -34.22 20.98 -2.24
C THR C 57 -34.83 19.73 -2.86
N ASP C 58 -35.04 18.70 -2.02
CA ASP C 58 -35.67 17.47 -2.47
C ASP C 58 -36.33 16.77 -1.29
N TYR C 59 -37.43 16.07 -1.54
CA TYR C 59 -38.19 15.40 -0.48
C TYR C 59 -38.69 14.01 -0.87
N VAL C 60 -38.63 13.07 0.06
CA VAL C 60 -39.25 11.77 -0.11
C VAL C 60 -40.76 11.95 -0.34
N ASP C 61 -41.35 11.07 -1.15
CA ASP C 61 -42.75 11.22 -1.55
C ASP C 61 -43.71 11.22 -0.35
N SER C 62 -43.33 10.53 0.71
CA SER C 62 -44.18 10.40 1.90
C SER C 62 -44.18 11.68 2.75
N VAL C 63 -43.20 12.55 2.51
CA VAL C 63 -43.07 13.78 3.30
C VAL C 63 -43.52 15.00 2.51
N LYS C 64 -43.78 14.82 1.22
CA LYS C 64 -44.04 15.93 0.30
C LYS C 64 -45.23 16.81 0.72
N GLY C 65 -44.97 18.09 0.90
CA GLY C 65 -46.00 19.06 1.24
C GLY C 65 -46.06 19.37 2.73
N ARG C 66 -45.80 18.35 3.55
CA ARG C 66 -45.86 18.52 4.99
C ARG C 66 -44.50 18.94 5.55
N PHE C 67 -43.44 18.49 4.89
CA PHE C 67 -42.10 18.80 5.38
C PHE C 67 -41.43 19.86 4.53
N THR C 68 -40.50 20.57 5.15
CA THR C 68 -39.90 21.76 4.56
C THR C 68 -38.46 21.89 5.05
N ILE C 69 -37.49 21.68 4.16
CA ILE C 69 -36.10 21.90 4.57
C ILE C 69 -35.70 23.32 4.21
N SER C 70 -34.83 23.91 5.03
CA SER C 70 -34.43 25.29 4.84
C SER C 70 -33.05 25.56 5.40
N ARG C 71 -32.19 26.21 4.59
CA ARG C 71 -30.83 26.53 5.00
C ARG C 71 -30.76 27.95 5.56
N ASP C 72 -30.01 28.11 6.66
CA ASP C 72 -29.79 29.42 7.23
C ASP C 72 -28.31 29.66 7.50
N ILE C 73 -27.68 30.44 6.63
CA ILE C 73 -26.26 30.76 6.76
C ILE C 73 -26.01 31.71 7.93
N ALA C 74 -26.89 32.69 8.08
CA ALA C 74 -26.73 33.72 9.11
C ALA C 74 -26.67 33.12 10.52
N GLU C 75 -27.44 32.06 10.76
CA GLU C 75 -27.51 31.48 12.08
C GLU C 75 -26.76 30.14 12.16
N ASN C 76 -25.98 29.84 11.13
CA ASN C 76 -25.09 28.68 11.11
C ASN C 76 -25.76 27.33 11.42
N THR C 77 -26.83 27.01 10.71
CA THR C 77 -27.54 25.75 10.94
C THR C 77 -28.50 25.45 9.80
N VAL C 78 -29.06 24.23 9.81
CA VAL C 78 -30.05 23.83 8.81
C VAL C 78 -31.28 23.24 9.50
N TYR C 79 -32.42 23.92 9.40
CA TYR C 79 -33.62 23.52 10.10
C TYR C 79 -34.51 22.58 9.27
N LEU C 80 -35.31 21.77 9.96
CA LEU C 80 -36.29 20.93 9.31
C LEU C 80 -37.67 21.14 9.94
N GLN C 81 -38.50 21.98 9.32
CA GLN C 81 -39.83 22.23 9.85
C GLN C 81 -40.80 21.16 9.37
N MET C 82 -41.41 20.46 10.31
CA MET C 82 -42.31 19.35 10.00
C MET C 82 -43.74 19.67 10.40
N ASN C 83 -44.62 19.76 9.40
CA ASN C 83 -46.04 19.99 9.67
C ASN C 83 -46.84 18.70 9.54
N ASN C 86 -47.62 12.62 11.73
CA ASN C 86 -48.46 11.44 11.93
C ASN C 86 -47.66 10.30 12.55
N PRO C 87 -48.34 9.38 13.27
CA PRO C 87 -47.73 8.28 14.02
C PRO C 87 -46.63 7.51 13.26
N GLU C 88 -46.67 7.53 11.93
CA GLU C 88 -45.63 6.89 11.13
C GLU C 88 -44.44 7.82 10.88
N ASP C 89 -44.45 8.98 11.53
CA ASP C 89 -43.30 9.89 11.49
C ASP C 89 -42.38 9.63 12.68
N VAL C 92 -35.89 8.19 15.17
CA VAL C 92 -34.74 9.05 15.40
C VAL C 92 -34.34 9.77 14.11
N TYR C 93 -34.06 11.07 14.23
CA TYR C 93 -33.74 11.90 13.06
C TYR C 93 -32.29 12.40 13.09
N TYR C 94 -31.63 12.34 11.94
CA TYR C 94 -30.19 12.61 11.85
C TYR C 94 -29.84 13.71 10.87
N CYS C 95 -28.76 14.43 11.17
CA CYS C 95 -28.16 15.42 10.26
C CYS C 95 -26.99 14.78 9.49
N LYS C 96 -26.95 14.98 8.18
CA LYS C 96 -25.83 14.47 7.38
C LYS C 96 -25.28 15.57 6.48
N GLY C 97 -23.98 15.81 6.59
CA GLY C 97 -23.33 16.81 5.75
C GLY C 97 -22.53 16.12 4.67
N ILE C 99 -19.42 16.68 1.65
CA ILE C 99 -18.39 17.45 0.99
C ILE C 99 -17.95 16.68 -0.25
N VAL C 100 -17.88 17.39 -1.37
CA VAL C 100 -17.49 16.76 -2.64
C VAL C 100 -16.08 17.16 -3.03
N VAL C 101 -15.30 16.18 -3.46
CA VAL C 101 -13.99 16.43 -4.04
C VAL C 101 -14.05 15.89 -5.46
N PHE C 102 -13.84 16.77 -6.43
CA PHE C 102 -14.10 16.45 -7.84
C PHE C 102 -15.57 16.05 -8.00
N THR C 103 -15.88 14.76 -8.16
CA THR C 103 -17.28 14.35 -8.15
C THR C 103 -17.55 13.27 -7.10
N THR C 104 -16.66 13.15 -6.12
CA THR C 104 -16.76 12.09 -5.12
C THR C 104 -17.15 12.64 -3.75
N PRO C 105 -18.32 12.24 -3.26
CA PRO C 105 -18.75 12.75 -1.95
C PRO C 105 -18.20 11.96 -0.76
N MET C 106 -17.99 12.68 0.35
CA MET C 106 -17.83 12.10 1.67
C MET C 106 -18.93 12.63 2.55
N HIS C 107 -19.53 11.75 3.35
CA HIS C 107 -20.65 12.15 4.21
C HIS C 107 -20.25 12.13 5.68
N TYR C 108 -20.84 13.05 6.42
CA TYR C 108 -20.57 13.20 7.85
C TYR C 108 -21.89 13.18 8.57
N TRP C 109 -21.99 12.33 9.58
CA TRP C 109 -23.24 12.09 10.26
C TRP C 109 -23.20 12.58 11.69
N GLY C 110 -24.30 13.16 12.14
CA GLY C 110 -24.48 13.43 13.57
C GLY C 110 -24.92 12.18 14.29
N LYS C 111 -25.04 12.27 15.62
CA LYS C 111 -25.40 11.10 16.43
C LYS C 111 -26.92 10.92 16.58
N GLY C 112 -27.69 11.97 16.26
CA GLY C 112 -29.14 11.85 16.16
C GLY C 112 -30.02 12.43 17.25
N THR C 113 -31.32 12.52 16.98
CA THR C 113 -32.36 12.86 17.96
C THR C 113 -33.64 12.06 17.69
N GLN C 114 -34.23 11.49 18.73
CA GLN C 114 -35.46 10.71 18.59
C GLN C 114 -36.62 11.61 18.17
N VAL C 115 -37.57 11.08 17.40
CA VAL C 115 -38.83 11.79 17.16
C VAL C 115 -40.00 10.81 17.22
N THR C 116 -40.99 11.15 18.04
CA THR C 116 -42.13 10.26 18.30
C THR C 116 -43.42 11.07 18.41
N VAL C 117 -44.43 10.66 17.65
CA VAL C 117 -45.71 11.38 17.61
C VAL C 117 -46.88 10.43 17.89
C1 EDO D . 12.11 -12.19 -5.39
O1 EDO D . 11.05 -11.26 -5.09
C2 EDO D . 12.89 -11.73 -6.61
O2 EDO D . 13.94 -12.71 -6.82
C1 EDO E . 1.60 18.15 -24.85
O1 EDO E . 1.90 17.05 -25.73
C2 EDO E . 1.22 17.61 -23.49
O2 EDO E . 2.21 16.65 -23.09
C1 EDO F . 2.07 26.07 8.68
O1 EDO F . 2.99 25.19 9.32
C2 EDO F . 0.65 25.53 8.81
O2 EDO F . -0.10 26.03 7.71
C1 EDO G . 3.38 -2.46 -0.82
O1 EDO G . 4.65 -1.98 -0.36
C2 EDO G . 2.34 -1.46 -0.36
O2 EDO G . 3.03 -0.25 -0.03
C1 EDO H . 6.29 8.90 8.73
O1 EDO H . 6.20 8.98 7.30
C2 EDO H . 6.85 10.22 9.26
O2 EDO H . 8.11 10.48 8.65
C1 EDO I . 22.65 -4.06 -9.46
O1 EDO I . 23.14 -4.31 -8.13
C2 EDO I . 23.21 -2.73 -9.93
O2 EDO I . 22.59 -2.30 -11.15
C1 EDO J . 14.33 4.45 -14.19
O1 EDO J . 14.96 4.20 -12.94
C2 EDO J . 15.22 5.44 -14.93
O2 EDO J . 14.62 5.81 -16.17
C1 EDO K . 14.60 6.72 -6.24
O1 EDO K . 13.18 6.61 -6.14
C2 EDO K . 15.21 7.15 -4.90
O2 EDO K . 14.97 8.55 -4.67
C1 EDO L . -0.20 13.20 -22.59
O1 EDO L . -0.77 11.90 -22.73
C2 EDO L . 1.21 13.17 -23.17
O2 EDO L . 1.43 11.87 -23.73
C1 EDO M . 7.71 6.72 -0.32
O1 EDO M . 6.75 7.54 0.38
C2 EDO M . 7.83 5.35 0.35
O2 EDO M . 8.80 4.56 -0.35
C1 EDO N . -7.01 -20.03 -21.09
O1 EDO N . -7.91 -18.94 -20.80
C2 EDO N . -6.09 -19.66 -22.25
O2 EDO N . -6.86 -19.19 -23.38
C1 EDO O . -3.07 17.53 -10.10
O1 EDO O . -1.87 17.53 -9.30
C2 EDO O . -4.29 18.10 -9.35
O2 EDO O . -4.92 17.11 -8.52
C1 EDO P . -1.85 18.02 17.17
O1 EDO P . -2.75 17.29 18.01
C2 EDO P . -1.54 17.14 15.97
O2 EDO P . -2.76 16.57 15.49
C1 EDO Q . 15.78 -9.73 -3.85
O1 EDO Q . 16.78 -10.50 -4.54
C2 EDO Q . 15.32 -8.63 -4.79
O2 EDO Q . 14.46 -7.71 -4.08
C1 EDO R . 36.31 -15.76 8.09
O1 EDO R . 35.59 -16.98 8.37
C2 EDO R . 36.38 -14.92 9.36
O2 EDO R . 36.96 -15.75 10.37
C1 EDO S . 3.56 -16.66 1.29
O1 EDO S . 3.57 -15.55 0.36
C2 EDO S . 4.21 -17.91 0.67
O2 EDO S . 3.56 -18.24 -0.56
C1 EDO T . -1.92 -16.53 0.79
O1 EDO T . -3.21 -16.51 1.42
C2 EDO T . -0.80 -16.49 1.82
O2 EDO T . -0.82 -15.24 2.53
C1 EDO U . -3.90 -7.83 0.56
O1 EDO U . -5.07 -7.01 0.69
C2 EDO U . -3.14 -7.43 -0.71
O2 EDO U . -2.00 -8.28 -0.85
C1 EDO V . 4.42 -19.77 8.26
O1 EDO V . 4.64 -19.80 9.68
C2 EDO V . 4.79 -18.40 7.72
O2 EDO V . 4.58 -18.43 6.30
C1 EDO W . -4.36 11.13 17.29
O1 EDO W . -5.40 10.48 16.57
C2 EDO W . -4.61 11.15 18.79
O2 EDO W . -3.34 11.29 19.44
C1 EDO X . -13.14 7.12 15.05
O1 EDO X . -13.28 7.01 16.47
C2 EDO X . -12.47 5.87 14.51
O2 EDO X . -11.49 5.43 15.45
C1 EDO Y . 10.50 -21.51 -4.45
O1 EDO Y . 10.29 -22.11 -3.17
C2 EDO Y . 11.91 -21.88 -4.93
O2 EDO Y . 12.81 -21.60 -3.86
C1 EDO Z . 16.64 6.42 15.27
O1 EDO Z . 15.42 6.86 15.87
C2 EDO Z . 17.58 7.60 15.06
O2 EDO Z . 17.40 8.16 13.76
C1 EDO AA . 36.93 -19.00 17.70
O1 EDO AA . 36.88 -18.08 18.79
C2 EDO AA . 37.60 -18.33 16.50
O2 EDO AA . 36.76 -17.25 16.07
C1 EDO BA . -14.89 24.11 -0.03
O1 EDO BA . -16.31 24.10 -0.25
C2 EDO BA . -14.52 22.88 0.81
O2 EDO BA . -15.04 21.70 0.19
#